data_1XDK
#
_entry.id   1XDK
#
_cell.length_a   115.7
_cell.length_b   115.7
_cell.length_c   247.2
_cell.angle_alpha   90
_cell.angle_beta   90
_cell.angle_gamma   120
#
_symmetry.space_group_name_H-M   'P 31 2 1'
#
loop_
_entity.id
_entity.type
_entity.pdbx_description
1 polymer 'Retinoic acid receptor RXR-alpha'
2 polymer 'Retinoic acid receptor, beta'
3 polymer 'Thyroid Receptor Associated Protein 220'
4 non-polymer '(9cis)-retinoic acid'
5 water water
#
loop_
_entity_poly.entity_id
_entity_poly.type
_entity_poly.pdbx_seq_one_letter_code
_entity_poly.pdbx_strand_id
1 'polypeptide(L)'
;SANEDMPVEKILEAELAVEPKTETYVEANMGLNPSSPNDPVTNICQAADKQLFTLVEWAKRIPHFSELPLDDQVILLRAG
WNELLIASFSHRSIAVKDGILLATGLHVHRNSAHSAGVGAIFDRVLTELVSKMRDMQMDKTELGCLRAIVLFNPDSKGLS
NPAEVEALREKVYASLEAYCKHKYPEQPGRFAKLLLRLPALRSIGLKCLEHLFFFKLIGDTPIDTFLMEMLEAPHQAT
;
A,E
2 'polypeptide(L)'
;MSKESVRNDRNKKKKEPSKQECTESYEMTAELDDLTEKIRKAHQETFPSLCQLGKYTTNSSADHRVRLDLGLWDKFSELA
TKCIIKIVEFAKRLPGFTGLTIADQITLLKAACLDILILRICTRYTPEQDTMTFSDGLTLNRTQMHNAGFGPLTDLVFTF
ANQLLPLEMDDTETGLLSAICLICGDRQDLEEPTKVDKLQEPLLEALKIYIRKRRPSKPHMFPKILMKITDLRSISAKGA
ERVITLKMEIPGSMPPLIQEMLENSEGHEPLTPSSSGNIAEHSPSVSPSSVENSGVSQSPLLQ
;
B,F
3 'polypeptide(L)' NHPMLMNLLKDNPA C,D,G,H
#
# COMPACT_ATOMS: atom_id res chain seq x y z
N ALA A 2 35.17 11.95 -32.35
CA ALA A 2 33.92 12.09 -31.51
C ALA A 2 32.71 11.47 -32.22
N ASN A 3 32.38 12.04 -33.38
CA ASN A 3 31.30 11.61 -34.28
C ASN A 3 31.71 10.21 -34.80
N GLU A 4 32.95 9.88 -34.44
CA GLU A 4 33.60 8.65 -34.83
C GLU A 4 33.26 7.33 -34.15
N ASP A 5 33.28 7.20 -32.82
CA ASP A 5 32.93 5.84 -32.35
C ASP A 5 31.44 5.58 -32.17
N MET A 6 30.68 6.67 -32.14
CA MET A 6 29.23 6.56 -32.11
C MET A 6 28.95 7.26 -33.43
N PRO A 7 29.07 6.50 -34.52
CA PRO A 7 28.82 7.09 -35.84
C PRO A 7 27.34 7.44 -35.83
N VAL A 8 27.00 8.72 -35.68
CA VAL A 8 25.59 9.06 -35.65
C VAL A 8 24.88 8.38 -36.79
N GLU A 9 25.05 8.93 -37.99
CA GLU A 9 24.41 8.38 -39.16
C GLU A 9 24.37 6.82 -39.20
N LYS A 10 25.10 6.09 -38.32
CA LYS A 10 25.05 4.63 -38.37
C LYS A 10 23.98 4.08 -37.42
N ILE A 11 23.36 4.95 -36.61
CA ILE A 11 22.31 4.61 -35.65
C ILE A 11 21.08 4.71 -36.53
N LEU A 12 21.05 5.76 -37.35
CA LEU A 12 19.97 5.99 -38.29
C LEU A 12 19.73 4.72 -39.09
N GLU A 13 20.81 4.07 -39.51
CA GLU A 13 20.71 2.84 -40.27
C GLU A 13 20.09 1.72 -39.39
N ALA A 14 19.75 2.08 -38.14
CA ALA A 14 19.13 1.13 -37.22
C ALA A 14 17.73 1.70 -36.98
N GLU A 15 17.63 3.03 -36.97
CA GLU A 15 16.34 3.62 -36.79
C GLU A 15 15.55 3.16 -37.99
N LEU A 16 16.05 3.54 -39.17
CA LEU A 16 15.48 3.20 -40.49
C LEU A 16 15.42 1.72 -40.86
N ALA A 17 16.47 0.99 -40.57
CA ALA A 17 16.47 -0.45 -40.85
C ALA A 17 15.33 -1.17 -40.10
N VAL A 18 14.47 -0.39 -39.43
CA VAL A 18 13.34 -0.94 -38.65
C VAL A 18 12.05 -0.08 -38.80
N GLU A 19 12.20 1.15 -39.28
CA GLU A 19 11.08 2.07 -39.43
C GLU A 19 10.62 2.39 -40.87
N PRO A 20 9.62 1.63 -41.39
CA PRO A 20 9.05 1.77 -42.74
C PRO A 20 8.66 3.20 -43.23
N PRO A 37 -9.44 -5.09 -33.34
CA PRO A 37 -9.05 -4.52 -32.01
C PRO A 37 -10.14 -4.49 -30.94
N ASN A 38 -10.99 -3.46 -30.99
CA ASN A 38 -12.11 -3.26 -30.07
C ASN A 38 -11.88 -2.37 -28.85
N ASP A 39 -10.76 -2.60 -28.16
CA ASP A 39 -10.36 -1.88 -26.94
C ASP A 39 -8.99 -1.20 -27.14
N PRO A 40 -8.82 0.07 -26.71
CA PRO A 40 -7.58 0.84 -26.83
C PRO A 40 -6.40 0.13 -26.19
N VAL A 41 -6.57 -0.27 -24.95
CA VAL A 41 -5.49 -0.92 -24.26
C VAL A 41 -5.01 -2.11 -25.04
N THR A 42 -5.88 -3.04 -25.35
CA THR A 42 -5.36 -4.18 -26.08
C THR A 42 -4.76 -3.82 -27.47
N ASN A 43 -5.10 -2.67 -28.03
CA ASN A 43 -4.50 -2.30 -29.32
C ASN A 43 -3.11 -1.79 -29.03
N ILE A 44 -2.98 -1.07 -27.93
CA ILE A 44 -1.69 -0.57 -27.54
C ILE A 44 -0.78 -1.78 -27.14
N CYS A 45 -1.30 -2.67 -26.31
CA CYS A 45 -0.52 -3.82 -25.89
C CYS A 45 -0.15 -4.76 -27.03
N GLN A 46 -0.80 -4.62 -28.18
CA GLN A 46 -0.49 -5.47 -29.33
C GLN A 46 0.54 -4.76 -30.17
N ALA A 47 0.34 -3.49 -30.39
CA ALA A 47 1.33 -2.77 -31.15
C ALA A 47 2.61 -2.90 -30.32
N ALA A 48 2.49 -3.05 -29.01
CA ALA A 48 3.68 -3.22 -28.16
C ALA A 48 4.39 -4.51 -28.53
N ASP A 49 3.82 -5.64 -28.13
CA ASP A 49 4.36 -6.96 -28.39
C ASP A 49 4.82 -7.10 -29.86
N LYS A 50 4.28 -6.27 -30.73
CA LYS A 50 4.72 -6.32 -32.12
C LYS A 50 6.07 -5.62 -32.10
N GLN A 51 6.08 -4.37 -31.64
CA GLN A 51 7.30 -3.60 -31.57
C GLN A 51 8.46 -4.18 -30.78
N LEU A 52 8.16 -5.10 -29.84
CA LEU A 52 9.23 -5.70 -29.06
C LEU A 52 10.23 -6.35 -30.01
N PHE A 53 9.78 -7.40 -30.73
CA PHE A 53 10.58 -8.09 -31.75
C PHE A 53 11.39 -7.02 -32.50
N THR A 54 10.73 -6.24 -33.32
CA THR A 54 11.49 -5.28 -34.07
C THR A 54 12.37 -4.33 -33.23
N LEU A 55 12.41 -4.52 -31.90
CA LEU A 55 13.28 -3.68 -31.01
C LEU A 55 14.61 -4.40 -30.90
N VAL A 56 14.50 -5.65 -30.47
CA VAL A 56 15.63 -6.55 -30.33
C VAL A 56 16.42 -6.47 -31.61
N GLU A 57 15.80 -5.99 -32.67
CA GLU A 57 16.50 -5.83 -33.92
C GLU A 57 17.28 -4.54 -33.77
N TRP A 58 16.62 -3.40 -33.98
CA TRP A 58 17.22 -2.05 -33.89
C TRP A 58 18.38 -1.93 -32.89
N ALA A 59 18.34 -2.75 -31.84
CA ALA A 59 19.38 -2.78 -30.81
C ALA A 59 20.60 -3.50 -31.37
N LYS A 60 20.34 -4.77 -31.74
CA LYS A 60 21.31 -5.70 -32.34
C LYS A 60 22.01 -5.06 -33.53
N ARG A 61 21.46 -3.93 -33.97
CA ARG A 61 22.02 -3.21 -35.06
C ARG A 61 22.56 -1.92 -34.54
N ILE A 62 22.67 -1.81 -33.22
CA ILE A 62 23.19 -0.58 -32.65
C ILE A 62 24.72 -0.64 -32.42
N PRO A 63 25.43 0.43 -32.88
CA PRO A 63 26.89 0.61 -32.79
C PRO A 63 27.56 0.12 -31.52
N HIS A 64 27.85 -1.17 -31.49
CA HIS A 64 28.55 -1.87 -30.42
C HIS A 64 27.69 -2.66 -29.49
N PHE A 65 26.39 -2.31 -29.44
CA PHE A 65 25.45 -3.03 -28.56
C PHE A 65 25.64 -4.55 -28.70
N SER A 66 25.89 -4.90 -29.95
CA SER A 66 26.07 -6.28 -30.36
C SER A 66 27.19 -6.96 -29.57
N GLU A 67 28.37 -6.35 -29.62
CA GLU A 67 29.56 -6.85 -28.92
C GLU A 67 29.28 -7.15 -27.43
N LEU A 68 28.80 -6.16 -26.67
CA LEU A 68 28.52 -6.36 -25.23
C LEU A 68 28.09 -7.81 -24.95
N PRO A 69 28.39 -8.34 -23.76
CA PRO A 69 28.04 -9.72 -23.39
C PRO A 69 26.61 -10.14 -23.72
N LEU A 70 26.31 -11.41 -23.47
CA LEU A 70 24.97 -11.92 -23.77
C LEU A 70 24.03 -11.51 -22.69
N ASP A 71 24.01 -12.27 -21.59
CA ASP A 71 23.12 -11.96 -20.48
C ASP A 71 23.03 -10.46 -20.21
N ASP A 72 23.95 -9.68 -20.76
CA ASP A 72 23.99 -8.24 -20.60
C ASP A 72 23.03 -7.53 -21.54
N GLN A 73 22.94 -7.98 -22.80
CA GLN A 73 22.01 -7.38 -23.77
C GLN A 73 20.60 -7.80 -23.38
N VAL A 74 20.47 -8.99 -22.81
CA VAL A 74 19.19 -9.45 -22.33
C VAL A 74 18.79 -8.50 -21.21
N ILE A 75 19.76 -7.94 -20.50
CA ILE A 75 19.45 -7.00 -19.42
C ILE A 75 19.18 -5.61 -20.00
N LEU A 76 20.21 -4.97 -20.54
CA LEU A 76 20.05 -3.66 -21.09
C LEU A 76 18.67 -3.42 -21.74
N LEU A 77 18.11 -4.45 -22.40
CA LEU A 77 16.81 -4.32 -23.09
C LEU A 77 15.63 -4.50 -22.19
N ARG A 78 15.61 -5.58 -21.42
CA ARG A 78 14.51 -5.75 -20.51
C ARG A 78 14.43 -4.52 -19.63
N ALA A 79 15.52 -3.78 -19.54
CA ALA A 79 15.55 -2.59 -18.71
C ALA A 79 14.80 -1.43 -19.29
N GLY A 80 15.14 -1.02 -20.49
CA GLY A 80 14.44 0.11 -21.08
C GLY A 80 13.56 -0.17 -22.27
N TRP A 81 12.90 -1.33 -22.31
CA TRP A 81 12.07 -1.62 -23.47
C TRP A 81 10.88 -0.69 -23.62
N ASN A 82 10.18 -0.43 -22.52
CA ASN A 82 9.02 0.44 -22.56
C ASN A 82 9.38 1.89 -22.87
N GLU A 83 10.38 2.45 -22.20
CA GLU A 83 10.75 3.82 -22.53
C GLU A 83 11.27 3.91 -23.96
N LEU A 84 11.95 2.85 -24.42
CA LEU A 84 12.47 2.84 -25.79
C LEU A 84 11.31 2.88 -26.75
N LEU A 85 10.34 1.97 -26.53
CA LEU A 85 9.13 1.90 -27.35
C LEU A 85 8.31 3.20 -27.28
N ILE A 86 8.09 3.71 -26.07
CA ILE A 86 7.33 4.94 -25.94
C ILE A 86 7.96 6.06 -26.71
N ALA A 87 9.27 6.20 -26.57
CA ALA A 87 9.92 7.30 -27.26
C ALA A 87 9.63 7.17 -28.75
N SER A 88 9.65 5.93 -29.25
CA SER A 88 9.37 5.65 -30.65
C SER A 88 7.99 6.07 -31.07
N PHE A 89 6.99 5.31 -30.64
CA PHE A 89 5.66 5.70 -31.04
C PHE A 89 5.36 7.18 -30.81
N SER A 90 6.03 7.81 -29.86
CA SER A 90 5.78 9.24 -29.62
C SER A 90 6.32 10.03 -30.78
N HIS A 91 7.53 9.67 -31.20
CA HIS A 91 8.15 10.39 -32.30
C HIS A 91 7.24 10.18 -33.50
N ARG A 92 6.96 8.91 -33.79
CA ARG A 92 6.09 8.56 -34.91
C ARG A 92 4.82 9.37 -35.01
N SER A 93 4.44 10.03 -33.91
CA SER A 93 3.17 10.76 -33.86
C SER A 93 3.25 12.26 -33.90
N ILE A 94 4.39 12.79 -34.29
CA ILE A 94 4.52 14.24 -34.35
C ILE A 94 3.36 14.81 -35.18
N ALA A 95 3.11 14.16 -36.31
CA ALA A 95 2.08 14.51 -37.29
C ALA A 95 0.66 14.57 -36.73
N VAL A 96 0.15 13.42 -36.27
CA VAL A 96 -1.19 13.28 -35.70
C VAL A 96 -1.54 14.36 -34.68
N LYS A 97 -2.80 14.77 -34.65
CA LYS A 97 -3.20 15.82 -33.75
C LYS A 97 -3.38 15.50 -32.29
N ASP A 98 -4.43 14.77 -31.92
CA ASP A 98 -4.63 14.48 -30.50
C ASP A 98 -4.58 13.03 -30.09
N GLY A 99 -3.46 12.39 -30.39
CA GLY A 99 -3.33 11.00 -30.04
C GLY A 99 -2.04 10.52 -30.64
N ILE A 100 -1.79 9.23 -30.48
CA ILE A 100 -0.61 8.60 -31.01
C ILE A 100 -1.00 7.74 -32.21
N LEU A 101 -0.02 7.28 -32.94
CA LEU A 101 -0.25 6.43 -34.10
C LEU A 101 0.58 5.17 -33.89
N LEU A 102 -0.09 4.03 -33.75
CA LEU A 102 0.65 2.80 -33.50
C LEU A 102 1.36 2.19 -34.72
N ALA A 103 2.20 1.23 -34.42
CA ALA A 103 2.98 0.48 -35.38
C ALA A 103 2.03 -0.44 -36.14
N THR A 104 0.82 -0.61 -35.61
CA THR A 104 -0.16 -1.46 -36.28
C THR A 104 -0.96 -0.58 -37.22
N GLY A 105 -0.53 0.66 -37.39
CA GLY A 105 -1.22 1.53 -38.31
C GLY A 105 -2.41 2.28 -37.79
N LEU A 106 -2.94 1.83 -36.64
CA LEU A 106 -4.11 2.43 -35.98
C LEU A 106 -3.82 3.73 -35.25
N HIS A 107 -4.70 4.73 -35.39
CA HIS A 107 -4.57 6.00 -34.66
C HIS A 107 -5.35 5.81 -33.40
N VAL A 108 -4.83 6.31 -32.28
CA VAL A 108 -5.49 6.18 -30.98
C VAL A 108 -5.60 7.57 -30.44
N HIS A 109 -6.83 8.06 -30.35
CA HIS A 109 -7.16 9.41 -29.88
C HIS A 109 -7.21 9.47 -28.35
N ARG A 110 -7.03 10.66 -27.79
CA ARG A 110 -7.04 10.79 -26.35
C ARG A 110 -8.39 10.39 -25.77
N ASN A 111 -9.45 10.76 -26.47
CA ASN A 111 -10.82 10.45 -26.05
C ASN A 111 -10.94 8.96 -25.85
N SER A 112 -10.17 8.23 -26.64
CA SER A 112 -10.15 6.79 -26.59
C SER A 112 -9.48 6.36 -25.29
N ALA A 113 -8.34 7.00 -25.03
CA ALA A 113 -7.52 6.75 -23.86
C ALA A 113 -8.37 6.96 -22.60
N HIS A 114 -8.92 8.16 -22.46
CA HIS A 114 -9.78 8.52 -21.35
C HIS A 114 -10.90 7.53 -21.09
N SER A 115 -11.56 7.03 -22.13
CA SER A 115 -12.60 6.06 -21.87
C SER A 115 -12.04 4.89 -21.10
N ALA A 116 -10.78 4.54 -21.39
CA ALA A 116 -10.09 3.43 -20.76
C ALA A 116 -9.44 3.78 -19.39
N GLY A 117 -9.70 4.98 -18.92
CA GLY A 117 -9.14 5.37 -17.65
C GLY A 117 -7.65 5.56 -17.65
N VAL A 118 -7.03 5.65 -18.82
CA VAL A 118 -5.59 5.87 -18.91
C VAL A 118 -5.41 7.23 -19.53
N GLY A 119 -6.51 7.97 -19.52
CA GLY A 119 -6.50 9.30 -20.07
C GLY A 119 -5.37 10.20 -19.61
N ALA A 120 -5.07 10.21 -18.32
CA ALA A 120 -4.03 11.12 -17.81
C ALA A 120 -2.59 10.78 -18.21
N ILE A 121 -2.21 9.51 -18.14
CA ILE A 121 -0.86 9.16 -18.54
C ILE A 121 -0.78 9.43 -20.05
N PHE A 122 -1.81 8.97 -20.76
CA PHE A 122 -1.91 9.15 -22.19
C PHE A 122 -1.73 10.59 -22.52
N ASP A 123 -2.18 11.47 -21.66
CA ASP A 123 -2.06 12.87 -21.96
C ASP A 123 -0.67 13.40 -21.73
N ARG A 124 0.04 12.80 -20.77
CA ARG A 124 1.40 13.22 -20.41
C ARG A 124 2.33 12.92 -21.57
N VAL A 125 2.01 11.82 -22.25
CA VAL A 125 2.72 11.38 -23.43
C VAL A 125 2.53 12.42 -24.53
N LEU A 126 1.30 12.87 -24.72
CA LEU A 126 0.98 13.84 -25.76
C LEU A 126 1.64 15.19 -25.59
N THR A 127 1.63 15.69 -24.36
CA THR A 127 2.19 16.99 -24.08
C THR A 127 3.68 16.99 -23.74
N GLU A 128 4.12 16.12 -22.84
CA GLU A 128 5.53 16.10 -22.47
C GLU A 128 6.47 15.42 -23.47
N LEU A 129 5.92 14.61 -24.37
CA LEU A 129 6.73 13.90 -25.35
C LEU A 129 6.35 14.32 -26.77
N VAL A 130 5.30 13.73 -27.33
CA VAL A 130 4.94 14.07 -28.69
C VAL A 130 4.98 15.57 -28.98
N SER A 131 4.26 16.36 -28.20
CA SER A 131 4.26 17.76 -28.49
C SER A 131 5.68 18.31 -28.45
N LYS A 132 6.41 18.03 -27.38
CA LYS A 132 7.77 18.54 -27.26
C LYS A 132 8.55 18.16 -28.51
N MET A 133 8.69 16.86 -28.79
CA MET A 133 9.41 16.42 -29.99
C MET A 133 8.98 17.22 -31.22
N ARG A 134 7.68 17.48 -31.36
CA ARG A 134 7.18 18.26 -32.49
C ARG A 134 7.64 19.73 -32.43
N ASP A 135 7.31 20.43 -31.36
CA ASP A 135 7.68 21.83 -31.22
C ASP A 135 9.15 22.14 -31.26
N MET A 136 9.99 21.15 -31.62
CA MET A 136 11.42 21.36 -31.66
C MET A 136 12.08 20.63 -32.81
N GLN A 137 11.26 20.08 -33.69
CA GLN A 137 11.75 19.36 -34.83
C GLN A 137 12.76 18.26 -34.51
N MET A 138 12.56 17.52 -33.44
CA MET A 138 13.50 16.44 -33.16
C MET A 138 13.64 15.58 -34.43
N ASP A 139 14.85 15.43 -34.96
CA ASP A 139 15.00 14.61 -36.14
C ASP A 139 15.17 13.10 -35.84
N LYS A 140 15.20 12.31 -36.89
CA LYS A 140 15.25 10.86 -36.71
C LYS A 140 16.55 10.36 -36.14
N THR A 141 17.52 11.25 -36.10
CA THR A 141 18.85 10.90 -35.61
C THR A 141 18.92 11.22 -34.12
N GLU A 142 18.62 12.46 -33.80
CA GLU A 142 18.57 12.87 -32.43
C GLU A 142 17.79 11.76 -31.76
N LEU A 143 16.58 11.50 -32.25
CA LEU A 143 15.79 10.44 -31.63
C LEU A 143 16.63 9.20 -31.35
N GLY A 144 17.27 8.69 -32.39
CA GLY A 144 18.04 7.48 -32.23
C GLY A 144 19.13 7.47 -31.18
N CYS A 145 19.80 8.61 -30.99
CA CYS A 145 20.85 8.77 -30.00
C CYS A 145 20.14 8.58 -28.64
N LEU A 146 19.16 9.49 -28.39
CA LEU A 146 18.35 9.48 -27.16
C LEU A 146 17.96 8.09 -26.78
N ARG A 147 17.47 7.35 -27.77
CA ARG A 147 17.09 5.98 -27.51
C ARG A 147 18.32 5.14 -27.25
N ALA A 148 19.45 5.56 -27.84
CA ALA A 148 20.73 4.87 -27.69
C ALA A 148 21.12 4.96 -26.22
N ILE A 149 21.11 6.22 -25.77
CA ILE A 149 21.43 6.60 -24.40
C ILE A 149 20.56 5.76 -23.48
N VAL A 150 19.24 5.81 -23.68
CA VAL A 150 18.32 5.01 -22.86
C VAL A 150 18.72 3.53 -22.92
N LEU A 151 19.12 3.09 -24.11
CA LEU A 151 19.52 1.69 -24.28
C LEU A 151 20.74 1.34 -23.40
N PHE A 152 21.75 2.21 -23.48
CA PHE A 152 22.99 2.06 -22.72
C PHE A 152 22.89 2.59 -21.25
N ASN A 153 22.17 1.85 -20.39
CA ASN A 153 22.04 2.30 -19.04
C ASN A 153 22.87 1.46 -18.12
N PRO A 154 24.05 1.99 -17.72
CA PRO A 154 25.05 1.41 -16.84
C PRO A 154 24.54 1.03 -15.48
N ASP A 155 23.53 1.75 -14.99
CA ASP A 155 23.01 1.43 -13.67
C ASP A 155 22.12 0.19 -13.61
N SER A 156 21.83 -0.43 -14.75
CA SER A 156 20.97 -1.60 -14.75
C SER A 156 21.51 -2.67 -13.86
N LYS A 157 20.72 -3.16 -12.92
CA LYS A 157 21.18 -4.20 -12.02
C LYS A 157 21.64 -5.43 -12.77
N GLY A 158 22.54 -6.23 -12.17
CA GLY A 158 23.04 -7.45 -12.79
C GLY A 158 24.05 -7.31 -13.91
N LEU A 159 23.97 -6.19 -14.63
CA LEU A 159 24.87 -5.92 -15.74
C LEU A 159 26.25 -6.45 -15.38
N SER A 160 26.86 -7.26 -16.26
CA SER A 160 28.22 -7.73 -15.96
C SER A 160 29.22 -6.79 -16.65
N ASN A 161 29.88 -6.04 -15.82
CA ASN A 161 30.80 -5.05 -16.27
C ASN A 161 29.94 -3.93 -16.82
N PRO A 162 29.50 -3.02 -15.92
CA PRO A 162 28.67 -1.83 -16.13
C PRO A 162 29.57 -0.78 -16.73
N ALA A 163 30.82 -0.98 -16.42
CA ALA A 163 31.90 -0.13 -16.88
C ALA A 163 31.72 0.18 -18.34
N GLU A 164 31.57 -0.92 -19.10
CA GLU A 164 31.44 -0.90 -20.55
C GLU A 164 30.26 -0.11 -21.13
N VAL A 165 29.07 -0.41 -20.59
CA VAL A 165 27.84 0.27 -21.02
C VAL A 165 27.95 1.79 -20.87
N GLU A 166 28.51 2.22 -19.74
CA GLU A 166 28.72 3.63 -19.42
C GLU A 166 29.60 4.28 -20.49
N ALA A 167 30.61 3.52 -20.92
CA ALA A 167 31.56 3.96 -21.94
C ALA A 167 30.77 4.36 -23.15
N LEU A 168 30.05 3.35 -23.62
CA LEU A 168 29.18 3.45 -24.79
C LEU A 168 28.30 4.71 -24.74
N ARG A 169 27.44 4.76 -23.74
CA ARG A 169 26.54 5.88 -23.54
C ARG A 169 27.19 7.26 -23.63
N GLU A 170 28.27 7.42 -22.86
CA GLU A 170 29.00 8.68 -22.81
C GLU A 170 29.45 9.05 -24.25
N LYS A 171 29.83 8.01 -25.00
CA LYS A 171 30.28 8.15 -26.37
C LYS A 171 29.14 8.65 -27.27
N VAL A 172 27.90 8.43 -26.81
CA VAL A 172 26.72 8.88 -27.56
C VAL A 172 26.46 10.37 -27.31
N TYR A 173 26.68 10.83 -26.08
CA TYR A 173 26.46 12.26 -25.76
C TYR A 173 27.51 12.95 -26.59
N ALA A 174 28.58 12.21 -26.81
CA ALA A 174 29.72 12.68 -27.58
C ALA A 174 29.29 13.09 -28.98
N SER A 175 28.81 12.10 -29.76
CA SER A 175 28.36 12.34 -31.14
C SER A 175 27.19 13.26 -31.16
N LEU A 176 26.17 12.90 -30.41
CA LEU A 176 24.95 13.67 -30.36
C LEU A 176 25.21 15.13 -30.17
N GLU A 177 26.14 15.50 -29.30
CA GLU A 177 26.38 16.92 -29.09
C GLU A 177 27.08 17.48 -30.33
N ALA A 178 28.05 16.72 -30.82
CA ALA A 178 28.81 17.06 -32.02
C ALA A 178 27.76 17.20 -33.14
N TYR A 179 27.03 16.11 -33.31
CA TYR A 179 25.97 16.03 -34.29
C TYR A 179 25.10 17.27 -34.24
N CYS A 180 24.63 17.61 -33.04
CA CYS A 180 23.77 18.78 -32.85
C CYS A 180 24.55 20.02 -33.21
N LYS A 181 25.84 19.93 -32.91
CA LYS A 181 26.79 21.03 -33.13
C LYS A 181 26.88 21.58 -34.55
N HIS A 182 27.28 20.77 -35.53
CA HIS A 182 27.38 21.27 -36.90
C HIS A 182 26.12 21.10 -37.70
N LYS A 183 24.99 20.80 -37.04
CA LYS A 183 23.74 20.59 -37.79
C LYS A 183 22.62 21.56 -37.46
N TYR A 184 22.69 22.20 -36.30
CA TYR A 184 21.70 23.19 -35.92
C TYR A 184 22.54 24.24 -35.22
N PRO A 185 23.82 24.40 -35.64
CA PRO A 185 24.78 25.36 -35.05
C PRO A 185 24.22 26.64 -34.42
N GLU A 186 23.21 27.25 -35.01
CA GLU A 186 22.63 28.44 -34.41
C GLU A 186 21.94 28.18 -33.05
N GLN A 187 21.85 26.91 -32.66
CA GLN A 187 21.20 26.49 -31.40
C GLN A 187 22.20 25.94 -30.37
N PRO A 188 22.54 26.76 -29.38
CA PRO A 188 23.50 26.39 -28.32
C PRO A 188 22.98 25.26 -27.43
N GLY A 189 21.81 25.52 -26.82
CA GLY A 189 21.20 24.57 -25.90
C GLY A 189 20.44 23.40 -26.52
N ARG A 190 20.61 23.18 -27.81
CA ARG A 190 19.93 22.08 -28.45
C ARG A 190 20.16 20.88 -27.54
N PHE A 191 21.42 20.54 -27.38
CA PHE A 191 21.79 19.36 -26.60
C PHE A 191 21.06 19.18 -25.26
N ALA A 192 21.09 20.19 -24.42
CA ALA A 192 20.41 20.09 -23.14
C ALA A 192 18.98 19.68 -23.41
N LYS A 193 18.27 20.54 -24.15
CA LYS A 193 16.85 20.36 -24.51
C LYS A 193 16.42 18.98 -25.02
N LEU A 194 17.29 18.26 -25.70
CA LEU A 194 16.95 16.90 -26.17
C LEU A 194 17.08 15.92 -25.02
N LEU A 195 18.00 16.21 -24.10
CA LEU A 195 18.25 15.34 -22.98
C LEU A 195 17.20 15.49 -21.88
N LEU A 196 16.61 16.69 -21.83
CA LEU A 196 15.59 16.99 -20.84
C LEU A 196 14.21 16.35 -21.09
N ARG A 197 14.09 15.59 -22.18
CA ARG A 197 12.86 14.87 -22.48
C ARG A 197 13.08 13.49 -21.86
N LEU A 198 14.34 13.15 -21.64
CA LEU A 198 14.66 11.85 -21.09
C LEU A 198 14.12 11.54 -19.72
N PRO A 199 14.02 12.53 -18.84
CA PRO A 199 13.48 12.31 -17.49
C PRO A 199 11.97 12.13 -17.61
N ALA A 200 11.37 12.93 -18.47
CA ALA A 200 9.96 12.79 -18.67
C ALA A 200 9.71 11.36 -19.23
N LEU A 201 10.52 10.92 -20.19
CA LEU A 201 10.36 9.57 -20.72
C LEU A 201 10.43 8.56 -19.58
N ARG A 202 11.32 8.80 -18.64
CA ARG A 202 11.46 7.90 -17.53
C ARG A 202 10.22 7.91 -16.63
N SER A 203 9.79 9.13 -16.32
CA SER A 203 8.65 9.42 -15.50
C SER A 203 7.43 8.71 -16.05
N ILE A 204 7.11 9.01 -17.32
CA ILE A 204 5.98 8.42 -17.99
C ILE A 204 6.12 6.92 -18.12
N GLY A 205 7.28 6.46 -18.54
CA GLY A 205 7.50 5.04 -18.74
C GLY A 205 7.22 4.27 -17.50
N LEU A 206 7.64 4.85 -16.36
CA LEU A 206 7.43 4.23 -15.06
C LEU A 206 5.95 4.01 -14.79
N LYS A 207 5.16 5.03 -15.05
CA LYS A 207 3.73 5.00 -14.86
C LYS A 207 3.06 3.94 -15.74
N CYS A 208 3.40 3.96 -17.03
CA CYS A 208 2.88 3.02 -18.00
C CYS A 208 3.11 1.62 -17.49
N LEU A 209 4.33 1.40 -17.05
CA LEU A 209 4.72 0.13 -16.53
C LEU A 209 3.82 -0.28 -15.36
N GLU A 210 3.47 0.68 -14.54
CA GLU A 210 2.62 0.43 -13.41
C GLU A 210 1.23 0.00 -13.89
N HIS A 211 0.69 0.66 -14.90
CA HIS A 211 -0.61 0.32 -15.43
C HIS A 211 -0.61 -1.04 -16.05
N LEU A 212 0.42 -1.36 -16.80
CA LEU A 212 0.47 -2.69 -17.40
C LEU A 212 0.46 -3.77 -16.33
N PHE A 213 1.18 -3.58 -15.25
CA PHE A 213 1.10 -4.61 -14.23
C PHE A 213 -0.34 -4.68 -13.73
N PHE A 214 -1.02 -3.54 -13.64
CA PHE A 214 -2.42 -3.55 -13.22
C PHE A 214 -3.30 -4.32 -14.22
N PHE A 215 -3.14 -4.08 -15.52
CA PHE A 215 -3.92 -4.77 -16.57
C PHE A 215 -3.60 -6.26 -16.60
N LYS A 216 -2.51 -6.62 -15.97
CA LYS A 216 -2.10 -8.00 -15.97
C LYS A 216 -2.61 -8.75 -14.75
N LEU A 217 -2.44 -8.18 -13.56
CA LEU A 217 -2.88 -8.84 -12.31
C LEU A 217 -4.35 -8.56 -12.02
N ILE A 218 -5.13 -8.47 -13.09
CA ILE A 218 -6.57 -8.21 -13.10
C ILE A 218 -6.99 -9.03 -14.31
N GLY A 219 -6.00 -9.81 -14.78
CA GLY A 219 -6.09 -10.71 -15.92
C GLY A 219 -7.02 -10.47 -17.11
N ASP A 220 -7.47 -9.22 -17.31
CA ASP A 220 -8.43 -8.95 -18.39
C ASP A 220 -7.94 -8.66 -19.77
N THR A 221 -6.82 -7.94 -19.88
CA THR A 221 -6.27 -7.62 -21.19
C THR A 221 -5.44 -8.74 -21.78
N PRO A 222 -5.63 -9.02 -23.08
CA PRO A 222 -4.88 -10.07 -23.74
C PRO A 222 -3.46 -9.52 -23.96
N ILE A 223 -2.52 -10.00 -23.16
CA ILE A 223 -1.12 -9.57 -23.29
C ILE A 223 -0.49 -10.68 -24.09
N ASP A 224 0.08 -10.39 -25.25
CA ASP A 224 0.70 -11.46 -26.01
C ASP A 224 1.93 -12.00 -25.31
N THR A 225 2.63 -12.95 -25.91
CA THR A 225 3.80 -13.57 -25.27
C THR A 225 5.12 -12.84 -25.10
N PHE A 226 5.55 -12.09 -26.12
CA PHE A 226 6.81 -11.37 -25.99
C PHE A 226 6.62 -10.34 -24.87
N LEU A 227 5.65 -9.44 -25.02
CA LEU A 227 5.34 -8.43 -24.02
C LEU A 227 5.16 -9.06 -22.66
N MET A 228 4.71 -10.30 -22.64
CA MET A 228 4.50 -11.02 -21.40
C MET A 228 5.78 -11.44 -20.66
N GLU A 229 6.84 -11.64 -21.44
CA GLU A 229 8.14 -12.04 -20.91
C GLU A 229 8.83 -10.83 -20.33
N MET A 230 8.71 -9.70 -21.02
CA MET A 230 9.30 -8.48 -20.54
C MET A 230 8.55 -8.07 -19.32
N LEU A 231 7.37 -8.64 -19.14
CA LEU A 231 6.56 -8.29 -17.99
C LEU A 231 6.68 -9.26 -16.87
N GLU A 232 7.50 -10.29 -17.06
CA GLU A 232 7.66 -11.27 -15.99
C GLU A 232 9.10 -11.33 -15.52
N ALA A 233 9.29 -11.44 -14.21
CA ALA A 233 10.65 -11.50 -13.67
C ALA A 233 11.23 -12.87 -13.91
N PRO A 234 12.55 -12.96 -13.98
CA PRO A 234 13.29 -14.21 -14.21
C PRO A 234 13.21 -15.21 -13.03
N ALA B 30 30.87 34.28 -20.14
CA ALA B 30 30.15 35.55 -20.50
C ALA B 30 29.67 36.31 -19.26
N GLU B 31 28.67 37.16 -19.47
CA GLU B 31 28.08 37.94 -18.37
C GLU B 31 26.90 37.09 -17.91
N LEU B 32 26.87 35.88 -18.46
CA LEU B 32 25.87 34.86 -18.15
C LEU B 32 26.34 34.24 -16.83
N ASP B 33 27.38 34.83 -16.24
CA ASP B 33 27.92 34.34 -14.98
C ASP B 33 27.56 35.19 -13.81
N ASP B 34 26.83 36.26 -14.07
CA ASP B 34 26.35 37.11 -12.99
C ASP B 34 25.27 36.21 -12.38
N LEU B 35 24.61 35.48 -13.27
CA LEU B 35 23.55 34.55 -12.92
C LEU B 35 24.12 33.33 -12.23
N THR B 36 25.14 32.71 -12.84
CA THR B 36 25.75 31.55 -12.22
C THR B 36 26.04 31.98 -10.79
N GLU B 37 26.95 32.93 -10.71
CA GLU B 37 27.40 33.48 -9.46
C GLU B 37 26.23 33.61 -8.49
N LYS B 38 25.16 34.26 -8.90
CA LYS B 38 24.02 34.45 -8.01
C LYS B 38 23.41 33.18 -7.43
N ILE B 39 23.20 32.18 -8.29
CA ILE B 39 22.60 30.92 -7.86
C ILE B 39 23.50 30.29 -6.80
N ARG B 40 24.78 30.17 -7.11
CA ARG B 40 25.73 29.58 -6.19
C ARG B 40 25.62 30.25 -4.81
N LYS B 41 25.24 31.52 -4.78
CA LYS B 41 25.10 32.19 -3.51
C LYS B 41 23.83 31.77 -2.81
N ALA B 42 22.73 31.68 -3.55
CA ALA B 42 21.45 31.28 -2.96
C ALA B 42 21.53 29.86 -2.44
N HIS B 43 22.16 28.97 -3.20
CA HIS B 43 22.30 27.61 -2.73
C HIS B 43 23.07 27.66 -1.41
N GLN B 44 24.31 28.11 -1.47
CA GLN B 44 25.11 28.17 -0.26
C GLN B 44 24.47 28.77 0.98
N GLU B 45 23.58 29.74 0.80
CA GLU B 45 22.95 30.40 1.94
C GLU B 45 21.63 29.80 2.38
N THR B 46 21.18 28.79 1.64
CA THR B 46 19.94 28.10 1.98
C THR B 46 20.25 26.63 2.28
N PHE B 47 21.52 26.25 2.08
CA PHE B 47 21.94 24.89 2.36
C PHE B 47 23.41 24.80 2.76
N PRO B 48 23.69 24.68 4.05
CA PRO B 48 25.06 24.58 4.56
C PRO B 48 25.78 23.29 4.16
N SER B 49 27.08 23.40 4.00
CA SER B 49 27.90 22.28 3.59
C SER B 49 28.02 21.24 4.61
N LEU B 50 28.53 20.11 4.20
CA LEU B 50 28.70 18.97 5.06
C LEU B 50 29.96 19.16 5.92
N CYS B 51 30.91 19.90 5.35
CA CYS B 51 32.20 20.13 6.00
C CYS B 51 32.16 21.28 6.97
N GLN B 52 31.13 22.09 6.90
CA GLN B 52 31.10 23.18 7.84
C GLN B 52 30.10 22.97 8.97
N LEU B 53 29.53 21.78 8.99
CA LEU B 53 28.52 21.42 9.96
C LEU B 53 29.08 20.50 11.02
N GLY B 54 28.83 20.84 12.28
CA GLY B 54 29.29 20.03 13.39
C GLY B 54 28.20 19.02 13.64
N LYS B 55 28.59 17.75 13.51
CA LYS B 55 27.72 16.59 13.64
C LYS B 55 27.44 16.00 14.99
N TYR B 56 26.19 15.63 15.21
CA TYR B 56 25.89 14.91 16.44
C TYR B 56 25.04 13.71 16.03
N THR B 57 25.12 12.65 16.81
CA THR B 57 24.39 11.45 16.52
C THR B 57 23.42 11.11 17.62
N THR B 58 22.77 9.96 17.47
CA THR B 58 21.82 9.48 18.45
C THR B 58 21.85 7.98 18.32
N ASN B 59 21.36 7.29 19.34
CA ASN B 59 21.35 5.83 19.28
C ASN B 59 19.94 5.28 19.19
N SER B 60 18.95 6.12 19.45
CA SER B 60 17.60 5.64 19.35
C SER B 60 17.34 5.17 17.92
N SER B 61 16.95 3.89 17.81
CA SER B 61 16.62 3.25 16.54
C SER B 61 17.84 3.03 15.69
N ALA B 62 18.97 2.81 16.30
CA ALA B 62 20.17 2.67 15.51
C ALA B 62 20.59 1.25 15.27
N ASP B 63 19.99 0.32 16.01
CA ASP B 63 20.31 -1.12 15.92
C ASP B 63 19.62 -1.87 14.79
N HIS B 64 18.36 -1.53 14.52
CA HIS B 64 17.62 -2.18 13.43
C HIS B 64 16.28 -1.53 13.03
N ARG B 65 15.84 -1.85 11.81
CA ARG B 65 14.62 -1.27 11.27
C ARG B 65 13.33 -1.60 11.96
N VAL B 66 12.37 -0.69 11.82
CA VAL B 66 11.07 -0.83 12.42
C VAL B 66 10.14 0.04 11.59
N ARG B 67 8.86 -0.11 11.80
CA ARG B 67 7.92 0.68 11.03
C ARG B 67 8.29 2.15 11.16
N LEU B 68 8.54 2.64 12.37
CA LEU B 68 8.83 4.05 12.50
C LEU B 68 9.06 4.62 13.90
N ASP B 69 10.32 4.86 14.27
CA ASP B 69 10.66 5.49 15.57
C ASP B 69 10.13 6.95 15.68
N LEU B 70 9.13 7.11 16.52
CA LEU B 70 8.48 8.39 16.74
C LEU B 70 9.37 9.55 17.08
N GLY B 71 10.39 9.32 17.91
CA GLY B 71 11.27 10.44 18.23
C GLY B 71 11.89 10.87 16.90
N LEU B 72 12.66 9.95 16.30
CA LEU B 72 13.29 10.18 15.03
C LEU B 72 12.29 10.87 14.14
N TRP B 73 11.12 10.29 13.92
CA TRP B 73 10.16 10.99 13.06
C TRP B 73 9.94 12.49 13.42
N ASP B 74 9.92 12.82 14.70
CA ASP B 74 9.67 14.19 15.13
C ASP B 74 10.80 15.16 14.81
N LYS B 75 12.03 14.70 15.01
CA LYS B 75 13.18 15.51 14.69
C LYS B 75 13.13 15.73 13.17
N PHE B 76 13.26 14.63 12.45
CA PHE B 76 13.23 14.62 11.01
C PHE B 76 12.16 15.53 10.37
N SER B 77 10.92 15.41 10.84
CA SER B 77 9.83 16.18 10.28
C SER B 77 10.06 17.64 10.43
N GLU B 78 10.61 18.03 11.57
CA GLU B 78 10.86 19.45 11.84
C GLU B 78 11.89 19.98 10.87
N LEU B 79 12.99 19.26 10.75
CA LEU B 79 14.03 19.66 9.84
C LEU B 79 13.37 19.82 8.49
N ALA B 80 12.71 18.76 8.04
CA ALA B 80 12.04 18.76 6.77
C ALA B 80 11.30 20.07 6.59
N THR B 81 10.42 20.38 7.52
CA THR B 81 9.66 21.61 7.42
C THR B 81 10.56 22.81 7.14
N LYS B 82 11.63 22.90 7.93
CA LYS B 82 12.58 23.99 7.80
C LYS B 82 13.16 23.99 6.41
N CYS B 83 13.66 22.84 5.98
CA CYS B 83 14.25 22.72 4.67
C CYS B 83 13.29 23.13 3.54
N ILE B 84 12.02 22.76 3.62
CA ILE B 84 11.08 23.14 2.59
C ILE B 84 11.07 24.67 2.53
N ILE B 85 11.14 25.30 3.69
CA ILE B 85 11.15 26.76 3.73
C ILE B 85 12.40 27.27 3.01
N LYS B 86 13.56 26.76 3.39
CA LYS B 86 14.81 27.14 2.77
C LYS B 86 14.81 26.97 1.24
N ILE B 87 14.09 25.95 0.76
CA ILE B 87 14.01 25.69 -0.68
C ILE B 87 13.18 26.78 -1.36
N VAL B 88 12.19 27.30 -0.66
CA VAL B 88 11.35 28.38 -1.19
C VAL B 88 12.19 29.66 -1.25
N GLU B 89 13.01 29.81 -0.22
CA GLU B 89 13.92 30.93 -0.08
C GLU B 89 14.86 30.88 -1.31
N PHE B 90 15.48 29.72 -1.51
CA PHE B 90 16.36 29.51 -2.66
C PHE B 90 15.59 29.80 -3.93
N ALA B 91 14.33 29.40 -3.92
CA ALA B 91 13.49 29.60 -5.09
C ALA B 91 13.43 31.08 -5.39
N LYS B 92 12.83 31.82 -4.47
CA LYS B 92 12.68 33.25 -4.66
C LYS B 92 13.96 33.96 -5.14
N ARG B 93 15.12 33.55 -4.65
CA ARG B 93 16.41 34.14 -5.04
C ARG B 93 16.82 33.81 -6.47
N LEU B 94 16.07 32.96 -7.15
CA LEU B 94 16.46 32.61 -8.51
C LEU B 94 16.08 33.68 -9.52
N PRO B 95 17.06 34.13 -10.31
CA PRO B 95 16.82 35.15 -11.34
C PRO B 95 15.54 34.88 -12.16
N GLY B 96 14.60 35.82 -12.12
CA GLY B 96 13.39 35.64 -12.88
C GLY B 96 12.29 34.89 -12.15
N PHE B 97 12.67 33.89 -11.38
CA PHE B 97 11.66 33.13 -10.67
C PHE B 97 10.60 34.04 -10.11
N THR B 98 11.05 34.95 -9.26
CA THR B 98 10.13 35.89 -8.63
C THR B 98 9.13 36.40 -9.62
N GLY B 99 9.62 37.06 -10.67
CA GLY B 99 8.73 37.57 -11.69
C GLY B 99 8.13 36.38 -12.42
N LEU B 100 7.03 35.85 -11.89
CA LEU B 100 6.37 34.69 -12.45
C LEU B 100 5.08 34.45 -11.69
N THR B 101 4.07 33.93 -12.38
CA THR B 101 2.75 33.66 -11.78
C THR B 101 2.85 32.90 -10.46
N ILE B 102 1.99 33.23 -9.52
CA ILE B 102 2.03 32.54 -8.27
C ILE B 102 1.64 31.10 -8.41
N ALA B 103 0.48 30.83 -8.97
CA ALA B 103 0.01 29.45 -9.15
C ALA B 103 1.04 28.68 -9.93
N ASP B 104 1.76 29.40 -10.78
CA ASP B 104 2.81 28.80 -11.59
C ASP B 104 4.04 28.52 -10.74
N GLN B 105 4.36 29.46 -9.85
CA GLN B 105 5.49 29.31 -8.92
C GLN B 105 5.17 28.16 -7.97
N ILE B 106 4.08 28.30 -7.21
CA ILE B 106 3.67 27.25 -6.30
C ILE B 106 3.71 25.93 -7.06
N THR B 107 3.27 25.95 -8.31
CA THR B 107 3.27 24.73 -9.10
C THR B 107 4.67 24.20 -9.36
N LEU B 108 5.56 25.06 -9.84
CA LEU B 108 6.94 24.68 -10.12
C LEU B 108 7.61 24.10 -8.88
N LEU B 109 7.36 24.73 -7.73
CA LEU B 109 7.90 24.33 -6.43
C LEU B 109 7.24 23.05 -5.92
N LYS B 110 5.92 23.02 -6.04
CA LYS B 110 5.18 21.85 -5.63
C LYS B 110 5.76 20.62 -6.35
N ALA B 111 6.01 20.79 -7.65
CA ALA B 111 6.55 19.74 -8.53
C ALA B 111 7.98 19.31 -8.29
N ALA B 112 8.81 20.26 -7.85
CA ALA B 112 10.22 20.02 -7.64
C ALA B 112 10.71 19.86 -6.21
N CYS B 113 9.94 20.35 -5.24
CA CYS B 113 10.37 20.28 -3.85
C CYS B 113 11.03 18.98 -3.41
N LEU B 114 10.31 17.87 -3.52
CA LEU B 114 10.87 16.60 -3.09
C LEU B 114 12.10 16.23 -3.92
N ASP B 115 12.19 16.80 -5.11
CA ASP B 115 13.32 16.56 -6.00
C ASP B 115 14.57 17.15 -5.39
N ILE B 116 14.47 18.44 -5.06
CA ILE B 116 15.52 19.21 -4.44
C ILE B 116 15.90 18.63 -3.09
N LEU B 117 14.91 18.22 -2.29
CA LEU B 117 15.19 17.65 -0.98
C LEU B 117 16.14 16.49 -1.10
N ILE B 118 15.83 15.57 -2.02
CA ILE B 118 16.67 14.39 -2.21
C ILE B 118 18.06 14.80 -2.65
N LEU B 119 18.16 15.69 -3.63
CA LEU B 119 19.48 16.12 -4.08
C LEU B 119 20.19 16.64 -2.85
N ARG B 120 19.61 17.62 -2.19
CA ARG B 120 20.25 18.16 -0.99
C ARG B 120 20.74 17.15 0.03
N ILE B 121 19.85 16.33 0.56
CA ILE B 121 20.31 15.39 1.56
C ILE B 121 21.41 14.47 1.07
N CYS B 122 21.40 14.13 -0.20
CA CYS B 122 22.40 13.21 -0.73
C CYS B 122 23.78 13.82 -0.85
N THR B 123 23.84 15.14 -0.76
CA THR B 123 25.13 15.83 -0.79
C THR B 123 25.64 15.93 0.67
N ARG B 124 24.86 15.43 1.64
CA ARG B 124 25.26 15.40 3.05
C ARG B 124 25.60 13.97 3.44
N TYR B 125 25.99 13.17 2.44
CA TYR B 125 26.35 11.76 2.61
C TYR B 125 27.81 11.55 2.90
N THR B 126 28.09 10.78 3.95
CA THR B 126 29.44 10.45 4.37
C THR B 126 29.62 8.97 4.06
N PRO B 127 30.31 8.67 2.97
CA PRO B 127 30.57 7.31 2.53
C PRO B 127 31.07 6.44 3.66
N GLU B 128 32.31 6.67 4.04
CA GLU B 128 32.96 5.95 5.12
C GLU B 128 32.02 5.51 6.24
N GLN B 129 31.25 6.45 6.78
CA GLN B 129 30.31 6.16 7.87
C GLN B 129 28.89 5.78 7.43
N ASP B 130 28.57 5.89 6.14
CA ASP B 130 27.25 5.56 5.64
C ASP B 130 26.18 6.35 6.40
N THR B 131 26.28 7.67 6.28
CA THR B 131 25.36 8.51 7.01
C THR B 131 25.01 9.79 6.30
N MET B 132 23.88 10.33 6.70
CA MET B 132 23.50 11.59 6.13
C MET B 132 23.36 12.50 7.33
N THR B 133 23.65 13.78 7.06
CA THR B 133 23.65 14.82 8.06
C THR B 133 22.69 15.91 7.69
N PHE B 134 21.80 16.19 8.62
CA PHE B 134 20.77 17.19 8.40
C PHE B 134 21.27 18.54 8.82
N SER B 135 20.60 19.60 8.39
CA SER B 135 21.06 20.94 8.67
C SER B 135 21.53 21.36 10.07
N ASP B 136 21.11 20.63 11.10
CA ASP B 136 21.51 20.98 12.44
C ASP B 136 22.63 20.06 12.82
N GLY B 137 23.13 19.34 11.82
CA GLY B 137 24.22 18.42 12.07
C GLY B 137 23.74 17.07 12.53
N LEU B 138 22.44 16.90 12.73
CA LEU B 138 21.94 15.59 13.14
C LEU B 138 22.48 14.55 12.13
N THR B 139 23.13 13.49 12.63
CA THR B 139 23.71 12.53 11.72
C THR B 139 23.30 11.09 11.93
N LEU B 140 22.40 10.66 11.04
CA LEU B 140 21.78 9.35 11.05
C LEU B 140 22.45 8.35 10.11
N ASN B 141 22.51 7.09 10.56
CA ASN B 141 23.03 6.00 9.73
C ASN B 141 21.84 5.51 8.89
N ARG B 142 22.11 4.64 7.94
CA ARG B 142 21.06 4.12 7.06
C ARG B 142 19.77 3.70 7.82
N THR B 143 19.90 2.77 8.75
CA THR B 143 18.78 2.33 9.52
C THR B 143 17.97 3.47 10.15
N GLN B 144 18.64 4.50 10.66
CA GLN B 144 17.93 5.62 11.28
C GLN B 144 17.29 6.45 10.19
N MET B 145 17.97 6.52 9.07
CA MET B 145 17.45 7.28 7.96
C MET B 145 16.10 6.66 7.65
N HIS B 146 16.01 5.34 7.78
CA HIS B 146 14.78 4.60 7.53
C HIS B 146 13.78 4.81 8.65
N ASN B 147 14.13 4.31 9.84
CA ASN B 147 13.28 4.43 11.01
C ASN B 147 12.72 5.81 11.22
N ALA B 148 13.31 6.80 10.57
CA ALA B 148 12.87 8.19 10.72
C ALA B 148 11.75 8.59 9.77
N GLY B 149 11.53 7.75 8.75
CA GLY B 149 10.48 8.02 7.79
C GLY B 149 10.76 7.74 6.32
N PHE B 150 12.02 7.46 5.97
CA PHE B 150 12.37 7.20 4.58
C PHE B 150 11.83 5.84 4.25
N GLY B 151 11.77 5.00 5.28
CA GLY B 151 11.27 3.64 5.11
C GLY B 151 11.83 2.97 3.87
N PRO B 152 10.97 2.54 2.95
CA PRO B 152 11.20 1.86 1.65
C PRO B 152 12.05 2.66 0.68
N LEU B 153 11.88 3.97 0.75
CA LEU B 153 12.55 4.95 -0.08
C LEU B 153 14.06 5.05 0.21
N THR B 154 14.48 4.41 1.29
CA THR B 154 15.86 4.46 1.77
C THR B 154 17.03 3.97 0.92
N ASP B 155 17.25 2.67 0.81
CA ASP B 155 18.40 2.23 0.00
C ASP B 155 18.41 2.90 -1.38
N LEU B 156 17.29 3.51 -1.76
CA LEU B 156 17.19 4.15 -3.05
C LEU B 156 17.90 5.48 -3.09
N VAL B 157 17.72 6.25 -2.01
CA VAL B 157 18.31 7.57 -1.89
C VAL B 157 19.80 7.42 -1.60
N PHE B 158 20.16 6.38 -0.85
CA PHE B 158 21.57 6.08 -0.58
C PHE B 158 22.30 5.67 -1.89
N THR B 159 21.55 5.13 -2.86
CA THR B 159 22.17 4.76 -4.11
C THR B 159 22.55 6.05 -4.83
N PHE B 160 21.59 6.96 -4.91
CA PHE B 160 21.82 8.23 -5.55
C PHE B 160 22.99 8.88 -4.83
N ALA B 161 22.99 8.80 -3.50
CA ALA B 161 24.06 9.39 -2.73
C ALA B 161 25.41 8.93 -3.29
N ASN B 162 25.57 7.64 -3.52
CA ASN B 162 26.81 7.12 -4.06
C ASN B 162 26.95 7.48 -5.53
N GLN B 163 25.87 7.34 -6.28
CA GLN B 163 25.92 7.69 -7.68
C GLN B 163 26.45 9.11 -7.82
N LEU B 164 26.30 9.90 -6.79
CA LEU B 164 26.74 11.26 -6.89
C LEU B 164 28.25 11.47 -6.65
N LEU B 165 28.82 10.74 -5.71
CA LEU B 165 30.23 10.94 -5.43
C LEU B 165 31.14 11.05 -6.64
N PRO B 166 31.11 10.06 -7.56
CA PRO B 166 31.98 10.13 -8.73
C PRO B 166 31.89 11.44 -9.52
N LEU B 167 30.78 12.14 -9.40
CA LEU B 167 30.62 13.38 -10.14
C LEU B 167 31.42 14.56 -9.55
N GLU B 168 31.76 14.43 -8.27
CA GLU B 168 32.47 15.44 -7.48
C GLU B 168 31.96 16.81 -7.86
N MET B 169 30.66 16.97 -7.70
CA MET B 169 30.01 18.23 -8.04
C MET B 169 30.44 19.26 -7.01
N ASP B 170 30.11 20.51 -7.25
CA ASP B 170 30.47 21.50 -6.25
C ASP B 170 29.20 22.26 -5.98
N ASP B 171 29.28 23.28 -5.12
CA ASP B 171 28.13 24.10 -4.73
C ASP B 171 27.44 24.78 -5.87
N THR B 172 28.22 25.38 -6.76
CA THR B 172 27.60 26.09 -7.85
C THR B 172 26.90 25.10 -8.76
N GLU B 173 27.53 23.95 -8.97
CA GLU B 173 26.94 22.92 -9.80
C GLU B 173 25.63 22.45 -9.12
N THR B 174 25.70 22.03 -7.86
CA THR B 174 24.49 21.60 -7.20
C THR B 174 23.45 22.71 -7.14
N GLY B 175 23.89 23.94 -7.14
CA GLY B 175 22.95 25.06 -7.07
C GLY B 175 22.23 25.17 -8.39
N LEU B 176 23.00 25.12 -9.48
CA LEU B 176 22.44 25.16 -10.82
C LEU B 176 21.48 24.00 -11.01
N LEU B 177 21.98 22.77 -10.85
CA LEU B 177 21.13 21.60 -11.00
C LEU B 177 19.80 21.82 -10.26
N SER B 178 19.87 22.18 -8.98
CA SER B 178 18.67 22.40 -8.20
C SER B 178 17.77 23.39 -8.90
N ALA B 179 18.35 24.51 -9.34
CA ALA B 179 17.58 25.53 -10.04
C ALA B 179 16.96 25.03 -11.38
N ILE B 180 17.55 23.99 -11.98
CA ILE B 180 17.03 23.45 -13.23
C ILE B 180 15.88 22.47 -13.01
N CYS B 181 15.76 21.91 -11.81
CA CYS B 181 14.64 21.02 -11.52
C CYS B 181 13.51 21.94 -11.22
N LEU B 182 13.81 22.99 -10.46
CA LEU B 182 12.80 23.95 -10.08
C LEU B 182 12.22 24.69 -11.29
N ILE B 183 13.06 25.32 -12.09
CA ILE B 183 12.58 26.05 -13.25
C ILE B 183 12.43 25.01 -14.33
N CYS B 184 11.26 24.41 -14.39
CA CYS B 184 10.97 23.38 -15.40
C CYS B 184 9.67 23.70 -16.08
N GLY B 185 9.67 23.67 -17.41
CA GLY B 185 8.45 23.97 -18.16
C GLY B 185 7.49 22.85 -18.52
N ASP B 186 7.69 21.63 -18.04
CA ASP B 186 6.79 20.51 -18.33
C ASP B 186 5.65 20.43 -17.35
N ARG B 187 5.97 20.69 -16.09
CA ARG B 187 4.98 20.65 -15.02
C ARG B 187 3.60 21.00 -15.57
N GLN B 188 2.63 20.14 -15.27
CA GLN B 188 1.28 20.37 -15.71
C GLN B 188 0.70 21.55 -14.93
N ASP B 189 -0.20 22.30 -15.58
CA ASP B 189 -0.85 23.46 -14.96
C ASP B 189 0.02 24.72 -15.02
N LEU B 190 0.82 24.82 -16.07
CA LEU B 190 1.67 25.98 -16.21
C LEU B 190 1.02 27.03 -17.10
N GLU B 191 0.80 28.21 -16.54
CA GLU B 191 0.20 29.30 -17.27
C GLU B 191 1.12 29.83 -18.34
N GLU B 192 2.38 30.08 -18.02
CA GLU B 192 3.31 30.63 -19.01
C GLU B 192 4.44 29.68 -19.38
N PRO B 193 4.17 28.37 -19.42
CA PRO B 193 5.26 27.45 -19.76
C PRO B 193 6.43 28.02 -20.57
N THR B 194 6.17 28.49 -21.79
CA THR B 194 7.26 29.00 -22.65
C THR B 194 8.17 30.01 -21.94
N LYS B 195 7.58 30.77 -21.02
CA LYS B 195 8.32 31.76 -20.24
C LYS B 195 9.23 30.93 -19.34
N VAL B 196 8.60 30.01 -18.62
CA VAL B 196 9.30 29.11 -17.72
C VAL B 196 10.29 28.23 -18.46
N ASP B 197 10.02 27.97 -19.73
CA ASP B 197 10.94 27.14 -20.48
C ASP B 197 12.21 27.92 -20.79
N LYS B 198 12.06 29.12 -21.35
CA LYS B 198 13.22 29.95 -21.68
C LYS B 198 13.85 30.53 -20.41
N LEU B 199 13.09 30.59 -19.31
CA LEU B 199 13.65 31.11 -18.05
C LEU B 199 14.78 30.18 -17.61
N GLN B 200 14.65 28.89 -17.94
CA GLN B 200 15.64 27.90 -17.57
C GLN B 200 16.63 27.64 -18.72
N GLU B 201 16.56 28.45 -19.77
CA GLU B 201 17.45 28.27 -20.93
C GLU B 201 18.91 28.59 -20.63
N PRO B 202 19.16 29.71 -19.95
CA PRO B 202 20.55 30.06 -19.62
C PRO B 202 21.08 29.10 -18.54
N LEU B 203 20.23 28.73 -17.57
CA LEU B 203 20.65 27.81 -16.52
C LEU B 203 21.29 26.61 -17.18
N LEU B 204 20.65 26.08 -18.22
CA LEU B 204 21.21 24.94 -18.90
C LEU B 204 22.56 25.27 -19.54
N GLU B 205 22.71 26.53 -19.94
CA GLU B 205 23.95 27.02 -20.58
C GLU B 205 25.03 27.27 -19.54
N ALA B 206 24.65 27.94 -18.44
CA ALA B 206 25.55 28.20 -17.34
C ALA B 206 26.13 26.85 -16.87
N LEU B 207 25.27 25.92 -16.48
CA LEU B 207 25.74 24.63 -16.03
C LEU B 207 26.67 23.96 -17.06
N LYS B 208 26.40 24.14 -18.34
CA LYS B 208 27.27 23.53 -19.34
C LYS B 208 28.63 24.20 -19.34
N ILE B 209 28.63 25.52 -19.54
CA ILE B 209 29.88 26.23 -19.56
C ILE B 209 30.69 25.91 -18.29
N TYR B 210 30.13 26.30 -17.13
CA TYR B 210 30.77 26.08 -15.84
C TYR B 210 31.35 24.71 -15.56
N ILE B 211 30.63 23.64 -15.85
CA ILE B 211 31.19 22.32 -15.59
C ILE B 211 32.38 22.09 -16.52
N ARG B 212 32.23 22.56 -17.76
CA ARG B 212 33.25 22.40 -18.82
C ARG B 212 34.56 23.16 -18.53
N LYS B 213 34.42 24.44 -18.15
CA LYS B 213 35.55 25.30 -17.82
C LYS B 213 36.24 24.76 -16.57
N ARG B 214 35.45 24.31 -15.60
CA ARG B 214 35.99 23.78 -14.36
C ARG B 214 36.66 22.41 -14.49
N ARG B 215 36.25 21.62 -15.47
CA ARG B 215 36.85 20.29 -15.59
C ARG B 215 37.18 19.89 -17.02
N PRO B 216 37.97 20.72 -17.71
CA PRO B 216 38.35 20.45 -19.09
C PRO B 216 38.60 19.00 -19.52
N SER B 217 39.39 18.24 -18.80
CA SER B 217 39.64 16.87 -19.25
C SER B 217 38.42 15.91 -19.27
N LYS B 218 37.33 16.28 -18.59
CA LYS B 218 36.09 15.47 -18.52
C LYS B 218 34.90 16.33 -19.01
N PRO B 219 34.74 16.53 -20.33
CA PRO B 219 33.63 17.36 -20.81
C PRO B 219 32.27 16.66 -20.86
N HIS B 220 32.33 15.35 -20.62
CA HIS B 220 31.19 14.48 -20.61
C HIS B 220 30.52 14.54 -19.22
N MET B 221 30.92 15.53 -18.42
CA MET B 221 30.39 15.68 -17.08
C MET B 221 29.18 16.58 -17.07
N PHE B 222 28.96 17.27 -18.18
CA PHE B 222 27.79 18.13 -18.27
C PHE B 222 26.57 17.28 -18.50
N PRO B 223 26.59 16.48 -19.57
CA PRO B 223 25.40 15.65 -19.74
C PRO B 223 25.23 14.67 -18.55
N LYS B 224 26.35 14.13 -18.09
CA LYS B 224 26.41 13.15 -17.00
C LYS B 224 25.72 13.58 -15.69
N ILE B 225 25.87 14.86 -15.36
CA ILE B 225 25.31 15.44 -14.16
C ILE B 225 23.93 15.98 -14.46
N LEU B 226 23.72 16.36 -15.71
CA LEU B 226 22.43 16.90 -16.11
C LEU B 226 21.42 15.78 -16.03
N MET B 227 21.86 14.59 -16.45
CA MET B 227 21.00 13.45 -16.46
C MET B 227 20.70 12.83 -15.12
N LYS B 228 21.32 13.31 -14.06
CA LYS B 228 21.05 12.74 -12.76
C LYS B 228 19.60 13.05 -12.44
N ILE B 229 19.11 14.12 -13.05
CA ILE B 229 17.74 14.53 -12.90
C ILE B 229 16.77 13.36 -13.17
N THR B 230 17.16 12.46 -14.05
CA THR B 230 16.33 11.33 -14.37
C THR B 230 16.18 10.31 -13.23
N ASP B 231 17.25 9.95 -12.56
CA ASP B 231 17.07 9.00 -11.47
C ASP B 231 16.44 9.79 -10.35
N LEU B 232 16.62 11.11 -10.38
CA LEU B 232 16.09 11.95 -9.32
C LEU B 232 14.59 11.87 -9.27
N ARG B 233 13.96 12.13 -10.40
CA ARG B 233 12.51 12.09 -10.54
C ARG B 233 11.97 10.68 -10.26
N SER B 234 12.78 9.66 -10.49
CA SER B 234 12.34 8.31 -10.20
C SER B 234 12.04 8.31 -8.71
N ILE B 235 13.02 8.71 -7.90
CA ILE B 235 12.86 8.71 -6.44
C ILE B 235 11.79 9.66 -5.92
N SER B 236 11.75 10.89 -6.40
CA SER B 236 10.73 11.80 -5.87
C SER B 236 9.32 11.30 -6.17
N ALA B 237 9.22 10.29 -7.03
CA ALA B 237 7.92 9.71 -7.39
C ALA B 237 7.54 8.87 -6.19
N LYS B 238 8.29 7.80 -5.98
CA LYS B 238 8.09 6.89 -4.85
C LYS B 238 8.07 7.75 -3.56
N GLY B 239 8.54 8.98 -3.70
CA GLY B 239 8.54 9.89 -2.58
C GLY B 239 7.13 10.34 -2.21
N ALA B 240 6.47 11.06 -3.11
CA ALA B 240 5.13 11.56 -2.80
C ALA B 240 4.28 10.40 -2.32
N GLU B 241 4.64 9.20 -2.78
CA GLU B 241 3.91 7.99 -2.39
C GLU B 241 4.18 7.67 -0.92
N ARG B 242 5.41 7.91 -0.47
CA ARG B 242 5.79 7.66 0.91
C ARG B 242 5.15 8.67 1.82
N VAL B 243 4.97 9.88 1.31
CA VAL B 243 4.37 10.96 2.09
C VAL B 243 3.07 10.57 2.74
N ILE B 244 2.29 9.78 2.03
CA ILE B 244 0.99 9.33 2.53
C ILE B 244 1.07 7.95 3.19
N THR B 245 1.67 6.96 2.54
CA THR B 245 1.80 5.64 3.15
C THR B 245 2.51 5.71 4.50
N LEU B 246 3.00 6.91 4.80
CA LEU B 246 3.71 7.15 6.04
C LEU B 246 2.83 7.97 6.98
N LYS B 247 2.22 9.05 6.48
CA LYS B 247 1.33 9.90 7.30
C LYS B 247 0.10 9.08 7.76
N MET B 248 0.36 7.79 7.85
CA MET B 248 -0.59 6.80 8.27
C MET B 248 -0.03 6.26 9.57
N GLU B 249 1.11 5.59 9.51
CA GLU B 249 1.73 5.02 10.71
C GLU B 249 1.99 6.03 11.83
N ILE B 250 1.84 7.33 11.53
CA ILE B 250 2.08 8.39 12.53
C ILE B 250 0.87 8.84 13.34
N PRO B 251 0.85 8.48 14.64
CA PRO B 251 -0.20 8.79 15.62
C PRO B 251 -0.80 10.22 15.59
N GLY B 252 0.00 11.22 15.26
CA GLY B 252 -0.51 12.59 15.21
C GLY B 252 -1.01 13.08 13.86
N SER B 253 -0.33 14.08 13.32
CA SER B 253 -0.66 14.66 12.03
C SER B 253 0.62 14.96 11.20
N MET B 254 0.43 15.20 9.91
CA MET B 254 1.54 15.51 9.02
C MET B 254 1.69 17.02 9.12
N PRO B 255 2.89 17.48 9.50
CA PRO B 255 3.17 18.91 9.63
C PRO B 255 2.53 19.65 8.46
N PRO B 256 2.08 20.88 8.72
CA PRO B 256 1.44 21.72 7.70
C PRO B 256 2.13 21.83 6.35
N LEU B 257 3.26 22.55 6.33
CA LEU B 257 4.00 22.80 5.09
C LEU B 257 4.33 21.54 4.33
N ILE B 258 4.73 20.47 5.02
CA ILE B 258 5.05 19.22 4.34
C ILE B 258 3.87 18.84 3.48
N GLN B 259 2.68 18.91 4.08
CA GLN B 259 1.43 18.58 3.39
C GLN B 259 1.18 19.51 2.21
N GLU B 260 1.17 20.81 2.51
CA GLU B 260 0.93 21.85 1.52
C GLU B 260 1.94 21.82 0.38
N MET B 261 2.96 20.96 0.50
CA MET B 261 4.00 20.84 -0.52
C MET B 261 4.04 19.47 -1.20
N LEU B 262 4.06 18.41 -0.40
CA LEU B 262 4.12 17.05 -0.91
C LEU B 262 2.80 16.33 -1.19
N GLU B 263 1.72 17.09 -1.33
CA GLU B 263 0.41 16.52 -1.61
C GLU B 263 -0.32 17.18 -2.79
N ASN B 264 -1.59 16.82 -2.99
CA ASN B 264 -2.36 17.36 -4.10
C ASN B 264 -1.80 16.79 -5.40
N SER B 265 -2.44 15.75 -5.93
CA SER B 265 -1.98 15.13 -7.18
C SER B 265 -3.07 14.57 -8.10
N GLU B 266 -4.33 14.64 -7.65
CA GLU B 266 -5.48 14.16 -8.40
C GLU B 266 -5.56 12.67 -8.74
N GLY B 267 -6.28 11.89 -7.92
CA GLY B 267 -6.48 10.46 -8.13
C GLY B 267 -5.61 9.62 -9.09
N HIS B 268 -5.42 8.34 -8.75
CA HIS B 268 -4.59 7.40 -9.54
C HIS B 268 -5.35 6.52 -10.53
N GLU B 269 -4.78 6.38 -11.73
CA GLU B 269 -5.35 5.59 -12.82
C GLU B 269 -5.01 4.08 -12.79
N PRO B 270 -5.72 3.27 -13.62
CA PRO B 270 -6.78 3.74 -14.53
C PRO B 270 -8.12 3.99 -13.85
N LEU B 271 -8.48 5.27 -13.71
CA LEU B 271 -9.74 5.63 -13.11
C LEU B 271 -10.65 6.22 -14.19
N THR B 272 -11.83 5.64 -14.38
CA THR B 272 -12.76 6.14 -15.39
C THR B 272 -13.48 7.41 -14.97
N PRO B 273 -13.81 8.26 -15.97
CA PRO B 273 -14.49 9.56 -15.80
C PRO B 273 -15.90 9.58 -15.20
N SER B 274 -16.15 10.65 -14.45
CA SER B 274 -17.44 10.88 -13.82
C SER B 274 -18.13 12.07 -14.53
N ASN C 1 17.89 -16.63 -18.59
CA ASN C 1 16.49 -17.05 -18.25
C ASN C 1 15.57 -16.97 -19.48
N HIS C 2 14.62 -16.02 -19.40
CA HIS C 2 13.61 -15.73 -20.42
C HIS C 2 14.07 -16.05 -21.85
N PRO C 3 13.37 -16.99 -22.52
CA PRO C 3 13.61 -17.48 -23.88
C PRO C 3 13.68 -16.51 -25.06
N MET C 4 12.54 -16.33 -25.72
CA MET C 4 12.41 -15.49 -26.91
C MET C 4 13.34 -14.30 -27.11
N LEU C 5 13.54 -13.53 -26.04
CA LEU C 5 14.43 -12.37 -26.10
C LEU C 5 15.87 -12.86 -26.09
N MET C 6 16.14 -13.75 -25.13
CA MET C 6 17.46 -14.34 -24.94
C MET C 6 17.92 -14.81 -26.32
N ASN C 7 17.10 -15.69 -26.88
CA ASN C 7 17.34 -16.23 -28.19
C ASN C 7 17.37 -15.07 -29.20
N LEU C 8 16.24 -14.83 -29.85
CA LEU C 8 16.07 -13.78 -30.86
C LEU C 8 17.27 -12.85 -31.04
N LEU C 9 17.72 -12.25 -29.94
CA LEU C 9 18.88 -11.35 -29.93
C LEU C 9 19.94 -11.83 -30.92
N LYS C 10 20.39 -13.07 -30.66
CA LYS C 10 21.40 -13.85 -31.41
C LYS C 10 21.47 -13.78 -32.96
N ASP C 11 20.69 -14.68 -33.57
CA ASP C 11 20.58 -14.89 -35.02
C ASP C 11 20.68 -13.67 -35.94
N HIS D 2 -3.53 26.62 -0.42
CA HIS D 2 -2.08 26.91 -0.20
C HIS D 2 -1.80 28.17 0.63
N PRO D 3 -2.20 28.14 1.92
CA PRO D 3 -2.05 29.20 2.91
C PRO D 3 -0.59 29.58 3.05
N MET D 4 0.16 28.71 3.75
CA MET D 4 1.59 28.89 3.99
C MET D 4 2.39 29.32 2.77
N LEU D 5 2.51 28.43 1.78
CA LEU D 5 3.26 28.74 0.56
C LEU D 5 2.96 30.16 0.09
N MET D 6 1.68 30.49 0.12
CA MET D 6 1.21 31.81 -0.30
C MET D 6 1.98 32.92 0.43
N ASN D 7 2.17 32.75 1.75
CA ASN D 7 2.87 33.72 2.59
C ASN D 7 4.37 33.69 2.44
N LEU D 8 4.88 32.50 2.11
CA LEU D 8 6.31 32.29 1.96
C LEU D 8 6.85 33.09 0.79
N LEU D 9 6.14 33.07 -0.34
CA LEU D 9 6.55 33.85 -1.52
C LEU D 9 6.01 35.29 -1.41
N LYS D 10 5.23 35.55 -0.36
CA LYS D 10 4.64 36.87 -0.09
C LYS D 10 5.73 37.92 0.19
N ASP D 11 6.13 38.03 1.46
CA ASP D 11 7.16 38.97 1.92
C ASP D 11 8.42 39.00 1.00
N ALA E 2 -24.67 -35.45 23.70
CA ALA E 2 -24.10 -34.09 23.41
C ALA E 2 -22.66 -33.98 23.92
N ASN E 3 -22.54 -34.10 25.25
CA ASN E 3 -21.25 -34.09 25.99
C ASN E 3 -20.48 -35.34 25.54
N GLU E 4 -21.21 -36.15 24.77
CA GLU E 4 -20.75 -37.41 24.23
C GLU E 4 -19.80 -37.47 23.05
N ASP E 5 -20.05 -36.81 21.91
CA ASP E 5 -19.02 -36.99 20.87
C ASP E 5 -17.84 -36.03 20.96
N MET E 6 -18.05 -34.96 21.73
CA MET E 6 -16.96 -34.02 21.99
C MET E 6 -16.91 -34.21 23.50
N PRO E 7 -16.20 -35.27 23.92
CA PRO E 7 -16.10 -35.54 25.35
C PRO E 7 -15.31 -34.36 25.90
N VAL E 8 -15.96 -33.41 26.58
CA VAL E 8 -15.21 -32.29 27.08
C VAL E 8 -13.97 -32.78 27.80
N GLU E 9 -14.17 -33.27 29.01
CA GLU E 9 -13.06 -33.77 29.80
C GLU E 9 -11.98 -34.53 28.98
N LYS E 10 -12.21 -34.90 27.71
CA LYS E 10 -11.20 -35.62 26.95
C LYS E 10 -10.32 -34.65 26.16
N ILE E 11 -10.68 -33.37 26.12
CA ILE E 11 -9.94 -32.30 25.43
C ILE E 11 -8.92 -31.91 26.50
N LEU E 12 -9.41 -31.81 27.74
CA LEU E 12 -8.57 -31.50 28.89
C LEU E 12 -7.35 -32.41 28.87
N GLU E 13 -7.58 -33.69 28.58
CA GLU E 13 -6.48 -34.66 28.54
C GLU E 13 -5.52 -34.32 27.36
N ALA E 14 -5.82 -33.22 26.66
CA ALA E 14 -4.98 -32.77 25.56
C ALA E 14 -4.45 -31.40 26.02
N GLU E 15 -5.28 -30.69 26.78
CA GLU E 15 -4.82 -29.43 27.27
C GLU E 15 -3.66 -29.78 28.17
N LEU E 16 -3.98 -30.57 29.20
CA LEU E 16 -3.03 -31.08 30.21
C LEU E 16 -1.89 -31.98 29.70
N ALA E 17 -2.20 -32.89 28.80
CA ALA E 17 -1.17 -33.77 28.23
C ALA E 17 -0.08 -32.95 27.50
N VAL E 18 -0.16 -31.62 27.62
CA VAL E 18 0.81 -30.71 26.98
C VAL E 18 1.16 -29.49 27.89
N GLU E 19 0.35 -29.25 28.91
CA GLU E 19 0.56 -28.12 29.82
C GLU E 19 1.02 -28.45 31.25
N PRO E 20 2.36 -28.43 31.49
CA PRO E 20 2.99 -28.73 32.80
C PRO E 20 2.44 -28.02 34.06
N PRO E 37 18.24 -14.63 26.06
CA PRO E 37 17.25 -13.85 25.23
C PRO E 37 17.74 -12.52 24.65
N ASN E 38 17.65 -11.47 25.48
CA ASN E 38 18.08 -10.11 25.12
C ASN E 38 17.02 -9.14 24.60
N ASP E 39 16.22 -9.63 23.65
CA ASP E 39 15.15 -8.87 22.98
C ASP E 39 13.80 -9.55 23.18
N PRO E 40 12.72 -8.80 23.49
CA PRO E 40 11.37 -9.33 23.70
C PRO E 40 10.86 -10.11 22.51
N VAL E 41 10.94 -9.50 21.34
CA VAL E 41 10.44 -10.16 20.17
C VAL E 41 11.09 -11.51 20.01
N THR E 42 12.41 -11.58 19.96
CA THR E 42 12.99 -12.88 19.80
C THR E 42 12.67 -13.86 20.94
N ASN E 43 12.26 -13.38 22.11
CA ASN E 43 11.92 -14.31 23.19
C ASN E 43 10.54 -14.82 22.91
N ILE E 44 9.69 -13.95 22.40
CA ILE E 44 8.36 -14.36 22.04
C ILE E 44 8.43 -15.34 20.83
N CYS E 45 9.18 -14.99 19.80
CA CYS E 45 9.30 -15.84 18.65
C CYS E 45 9.95 -17.18 18.94
N GLN E 46 10.59 -17.32 20.10
CA GLN E 46 11.22 -18.58 20.46
C GLN E 46 10.25 -19.38 21.27
N ALA E 47 9.57 -18.73 22.19
CA ALA E 47 8.59 -19.46 22.95
C ALA E 47 7.58 -19.92 21.92
N ALA E 48 7.45 -19.20 20.80
CA ALA E 48 6.51 -19.60 19.76
C ALA E 48 6.96 -20.93 19.16
N ASP E 49 8.02 -20.88 18.36
CA ASP E 49 8.58 -22.05 17.70
C ASP E 49 8.72 -23.23 18.69
N LYS E 50 8.77 -22.94 19.97
CA LYS E 50 8.84 -24.02 20.93
C LYS E 50 7.42 -24.56 20.98
N GLN E 51 6.46 -23.70 21.29
CA GLN E 51 5.08 -24.10 21.36
C GLN E 51 4.45 -24.73 20.12
N LEU E 52 5.04 -24.47 18.95
CA LEU E 52 4.49 -25.04 17.73
C LEU E 52 4.48 -26.56 17.89
N PHE E 53 5.66 -27.18 17.98
CA PHE E 53 5.82 -28.62 18.22
C PHE E 53 4.72 -29.05 19.21
N THR E 54 4.85 -28.67 20.46
CA THR E 54 3.87 -29.12 21.39
C THR E 54 2.41 -28.76 21.04
N LEU E 55 2.18 -28.14 19.87
CA LEU E 55 0.79 -27.81 19.41
C LEU E 55 0.31 -29.01 18.59
N VAL E 56 1.12 -29.33 17.58
CA VAL E 56 0.90 -30.45 16.69
C VAL E 56 0.60 -31.65 17.56
N GLU E 57 0.98 -31.58 18.83
CA GLU E 57 0.69 -32.67 19.73
C GLU E 57 -0.76 -32.47 20.14
N TRP E 58 -1.01 -31.56 21.09
CA TRP E 58 -2.36 -31.24 21.62
C TRP E 58 -3.49 -31.40 20.61
N ALA E 59 -3.18 -31.21 19.34
CA ALA E 59 -4.14 -31.36 18.23
C ALA E 59 -4.37 -32.83 17.98
N LYS E 60 -3.26 -33.50 17.64
CA LYS E 60 -3.16 -34.94 17.36
C LYS E 60 -3.79 -35.74 18.50
N ARG E 61 -4.05 -35.06 19.59
CA ARG E 61 -4.65 -35.68 20.74
C ARG E 61 -6.02 -35.10 20.89
N ILE E 62 -6.49 -34.40 19.87
CA ILE E 62 -7.83 -33.82 19.98
C ILE E 62 -8.92 -34.75 19.38
N PRO E 63 -10.02 -34.94 20.17
CA PRO E 63 -11.18 -35.78 19.83
C PRO E 63 -11.64 -35.76 18.39
N HIS E 64 -10.99 -36.60 17.58
CA HIS E 64 -11.27 -36.82 16.17
C HIS E 64 -10.36 -36.13 15.21
N PHE E 65 -9.70 -35.06 15.67
CA PHE E 65 -8.79 -34.29 14.82
C PHE E 65 -7.87 -35.25 14.03
N SER E 66 -7.50 -36.29 14.77
CA SER E 66 -6.60 -37.32 14.30
C SER E 66 -7.13 -37.97 13.01
N GLU E 67 -8.35 -38.49 13.10
CA GLU E 67 -9.02 -39.14 11.97
C GLU E 67 -8.99 -38.28 10.69
N LEU E 68 -9.51 -37.05 10.75
CA LEU E 68 -9.52 -36.17 9.57
C LEU E 68 -8.33 -36.45 8.65
N PRO E 69 -8.47 -36.25 7.34
CA PRO E 69 -7.40 -36.49 6.37
C PRO E 69 -6.03 -35.94 6.74
N LEU E 70 -5.02 -36.23 5.92
CA LEU E 70 -3.68 -35.76 6.20
C LEU E 70 -3.56 -34.33 5.79
N ASP E 71 -3.30 -34.08 4.52
CA ASP E 71 -3.17 -32.71 4.01
C ASP E 71 -4.18 -31.76 4.64
N ASP E 72 -5.21 -32.30 5.29
CA ASP E 72 -6.24 -31.51 5.95
C ASP E 72 -5.80 -31.04 7.32
N GLN E 73 -5.13 -31.90 8.10
CA GLN E 73 -4.65 -31.52 9.44
C GLN E 73 -3.47 -30.56 9.24
N VAL E 74 -2.72 -30.75 8.16
CA VAL E 74 -1.64 -29.86 7.84
C VAL E 74 -2.27 -28.51 7.58
N ILE E 75 -3.50 -28.49 7.10
CA ILE E 75 -4.17 -27.21 6.82
C ILE E 75 -4.77 -26.66 8.12
N LEU E 76 -5.78 -27.33 8.65
CA LEU E 76 -6.42 -26.86 9.85
C LEU E 76 -5.45 -26.19 10.83
N LEU E 77 -4.21 -26.70 10.92
CA LEU E 77 -3.21 -26.15 11.87
C LEU E 77 -2.48 -24.95 11.35
N ARG E 78 -1.94 -25.05 10.14
CA ARG E 78 -1.27 -23.88 9.58
C ARG E 78 -2.26 -22.74 9.59
N ALA E 79 -3.55 -23.05 9.66
CA ALA E 79 -4.58 -22.02 9.64
C ALA E 79 -4.66 -21.25 10.93
N GLY E 80 -4.90 -21.94 12.03
CA GLY E 80 -5.02 -21.24 13.30
C GLY E 80 -3.90 -21.45 14.31
N TRP E 81 -2.67 -21.59 13.86
CA TRP E 81 -1.60 -21.82 14.83
C TRP E 81 -1.35 -20.67 15.75
N ASN E 82 -1.32 -19.45 15.19
CA ASN E 82 -1.07 -18.26 15.99
C ASN E 82 -2.22 -17.95 16.94
N GLU E 83 -3.45 -17.97 16.47
CA GLU E 83 -4.55 -17.72 17.39
C GLU E 83 -4.61 -18.81 18.46
N LEU E 84 -4.28 -20.05 18.07
CA LEU E 84 -4.30 -21.16 19.03
C LEU E 84 -3.26 -20.88 20.11
N LEU E 85 -2.03 -20.57 19.67
CA LEU E 85 -0.93 -20.25 20.59
C LEU E 85 -1.24 -19.03 21.44
N ILE E 86 -1.72 -17.95 20.82
CA ILE E 86 -2.04 -16.75 21.59
C ILE E 86 -3.05 -17.03 22.66
N ALA E 87 -4.09 -17.77 22.30
CA ALA E 87 -5.12 -18.03 23.29
C ALA E 87 -4.45 -18.73 24.48
N SER E 88 -3.52 -19.64 24.18
CA SER E 88 -2.80 -20.37 25.22
C SER E 88 -2.01 -19.46 26.12
N PHE E 89 -0.90 -18.94 25.62
CA PHE E 89 -0.13 -18.08 26.48
C PHE E 89 -0.98 -17.02 27.20
N SER E 90 -2.10 -16.62 26.62
CA SER E 90 -2.93 -15.61 27.28
C SER E 90 -3.57 -16.21 28.50
N HIS E 91 -4.06 -17.44 28.34
CA HIS E 91 -4.70 -18.11 29.45
C HIS E 91 -3.63 -18.26 30.51
N ARG E 92 -2.51 -18.85 30.13
CA ARG E 92 -1.40 -19.06 31.03
C ARG E 92 -1.02 -17.88 31.88
N SER E 93 -1.46 -16.69 31.47
CA SER E 93 -1.08 -15.45 32.14
C SER E 93 -2.12 -14.78 32.97
N ILE E 94 -3.18 -15.49 33.30
CA ILE E 94 -4.22 -14.88 34.11
C ILE E 94 -3.60 -14.27 35.37
N ALA E 95 -2.70 -15.06 35.98
CA ALA E 95 -1.97 -14.74 37.21
C ALA E 95 -1.16 -13.46 37.14
N VAL E 96 -0.14 -13.43 36.26
CA VAL E 96 0.75 -12.29 36.07
C VAL E 96 0.02 -10.96 35.93
N LYS E 97 0.62 -9.89 36.44
CA LYS E 97 -0.03 -8.61 36.41
C LYS E 97 -0.04 -7.84 35.11
N ASP E 98 1.09 -7.29 34.68
CA ASP E 98 1.07 -6.52 33.43
C ASP E 98 1.90 -7.05 32.29
N GLY E 99 1.62 -8.29 31.90
CA GLY E 99 2.38 -8.88 30.84
C GLY E 99 1.95 -10.30 30.70
N ILE E 100 2.61 -11.02 29.82
CA ILE E 100 2.31 -12.41 29.60
C ILE E 100 3.46 -13.24 30.17
N LEU E 101 3.27 -14.54 30.26
CA LEU E 101 4.28 -15.45 30.76
C LEU E 101 4.50 -16.51 29.70
N LEU E 102 5.67 -16.56 29.12
CA LEU E 102 5.93 -17.52 28.06
C LEU E 102 6.13 -18.97 28.52
N ALA E 103 6.10 -19.85 27.54
CA ALA E 103 6.31 -21.27 27.72
C ALA E 103 7.79 -21.51 28.04
N THR E 104 8.62 -20.50 27.82
CA THR E 104 10.02 -20.63 28.13
C THR E 104 10.23 -20.18 29.57
N GLY E 105 9.14 -19.94 30.29
CA GLY E 105 9.28 -19.56 31.66
C GLY E 105 9.48 -18.10 31.95
N LEU E 106 9.87 -17.34 30.92
CA LEU E 106 10.12 -15.90 31.00
C LEU E 106 8.86 -15.02 31.07
N HIS E 107 8.86 -14.02 31.96
CA HIS E 107 7.75 -13.08 32.04
C HIS E 107 8.11 -11.96 31.12
N VAL E 108 7.12 -11.43 30.40
CA VAL E 108 7.35 -10.34 29.44
C VAL E 108 6.36 -9.28 29.80
N HIS E 109 6.87 -8.16 30.30
CA HIS E 109 6.09 -7.02 30.75
C HIS E 109 5.69 -6.11 29.57
N ARG E 110 4.64 -5.33 29.75
CA ARG E 110 4.21 -4.46 28.68
C ARG E 110 5.28 -3.43 28.34
N ASN E 111 5.94 -2.92 29.36
CA ASN E 111 7.01 -1.94 29.19
C ASN E 111 8.05 -2.49 28.23
N SER E 112 8.19 -3.80 28.28
CA SER E 112 9.12 -4.49 27.44
C SER E 112 8.62 -4.43 25.99
N ALA E 113 7.32 -4.75 25.86
CA ALA E 113 6.64 -4.77 24.59
C ALA E 113 6.80 -3.42 23.92
N HIS E 114 6.34 -2.37 24.61
CA HIS E 114 6.43 -1.00 24.11
C HIS E 114 7.81 -0.60 23.65
N SER E 115 8.86 -0.99 24.35
CA SER E 115 10.17 -0.62 23.86
C SER E 115 10.37 -1.17 22.46
N ALA E 116 9.79 -2.33 22.20
CA ALA E 116 9.89 -3.00 20.91
C ALA E 116 8.87 -2.51 19.86
N GLY E 117 8.13 -1.47 20.20
CA GLY E 117 7.18 -0.94 19.27
C GLY E 117 5.99 -1.85 19.01
N VAL E 118 5.79 -2.87 19.84
CA VAL E 118 4.66 -3.77 19.68
C VAL E 118 3.77 -3.56 20.88
N GLY E 119 4.03 -2.46 21.55
CA GLY E 119 3.28 -2.10 22.72
C GLY E 119 1.77 -2.14 22.58
N ALA E 120 1.24 -1.64 21.48
CA ALA E 120 -0.22 -1.59 21.32
C ALA E 120 -0.90 -2.95 21.08
N ILE E 121 -0.34 -3.80 20.25
CA ILE E 121 -0.95 -5.09 20.04
C ILE E 121 -0.82 -5.83 21.37
N PHE E 122 0.39 -5.75 21.93
CA PHE E 122 0.69 -6.40 23.19
C PHE E 122 -0.32 -6.00 24.21
N ASP E 123 -0.80 -4.78 24.12
CA ASP E 123 -1.76 -4.33 25.10
C ASP E 123 -3.14 -4.87 24.87
N ARG E 124 -3.48 -5.10 23.60
CA ARG E 124 -4.79 -5.61 23.21
C ARG E 124 -4.96 -7.02 23.73
N VAL E 125 -3.83 -7.74 23.74
CA VAL E 125 -3.75 -9.08 24.27
C VAL E 125 -4.03 -9.05 25.77
N LEU E 126 -3.43 -8.10 26.47
CA LEU E 126 -3.60 -7.97 27.91
C LEU E 126 -5.02 -7.65 28.36
N THR E 127 -5.64 -6.72 27.66
CA THR E 127 -6.98 -6.29 28.02
C THR E 127 -8.10 -7.10 27.39
N GLU E 128 -8.04 -7.33 26.08
CA GLU E 128 -9.11 -8.08 25.44
C GLU E 128 -9.07 -9.58 25.62
N LEU E 129 -7.93 -10.13 26.02
CA LEU E 129 -7.77 -11.56 26.21
C LEU E 129 -7.44 -11.89 27.65
N VAL E 130 -6.17 -11.78 28.04
CA VAL E 130 -5.81 -12.11 29.41
C VAL E 130 -6.77 -11.56 30.45
N SER E 131 -6.98 -10.26 30.43
CA SER E 131 -7.86 -9.72 31.45
C SER E 131 -9.22 -10.37 31.37
N LYS E 132 -9.81 -10.42 30.18
CA LYS E 132 -11.13 -11.01 30.02
C LYS E 132 -11.12 -12.40 30.61
N MET E 133 -10.28 -13.29 30.09
CA MET E 133 -10.19 -14.66 30.62
C MET E 133 -10.13 -14.65 32.15
N ARG E 134 -9.35 -13.74 32.74
CA ARG E 134 -9.25 -13.64 34.19
C ARG E 134 -10.56 -13.19 34.85
N ASP E 135 -11.06 -12.01 34.46
CA ASP E 135 -12.29 -11.50 35.04
C ASP E 135 -13.52 -12.35 34.86
N MET E 136 -13.36 -13.60 34.41
CA MET E 136 -14.50 -14.47 34.20
C MET E 136 -14.19 -15.92 34.55
N GLN E 137 -13.03 -16.12 35.15
CA GLN E 137 -12.60 -17.45 35.53
C GLN E 137 -12.66 -18.49 34.43
N MET E 138 -12.29 -18.13 33.22
CA MET E 138 -12.29 -19.14 32.16
C MET E 138 -11.50 -20.37 32.67
N ASP E 139 -12.12 -21.54 32.71
CA ASP E 139 -11.39 -22.70 33.15
C ASP E 139 -10.56 -23.40 32.05
N LYS E 140 -9.79 -24.40 32.44
CA LYS E 140 -8.91 -25.05 31.50
C LYS E 140 -9.62 -25.87 30.44
N THR E 141 -10.92 -26.04 30.65
CA THR E 141 -11.75 -26.83 29.75
C THR E 141 -12.36 -25.90 28.71
N GLU E 142 -13.08 -24.90 29.21
CA GLU E 142 -13.65 -23.91 28.36
C GLU E 142 -12.50 -23.56 27.41
N LEU E 143 -11.36 -23.15 27.95
CA LEU E 143 -10.26 -22.82 27.07
C LEU E 143 -10.09 -23.83 25.96
N GLY E 144 -9.95 -25.09 26.34
CA GLY E 144 -9.73 -26.13 25.37
C GLY E 144 -10.73 -26.28 24.24
N CYS E 145 -12.02 -26.07 24.57
CA CYS E 145 -13.10 -26.12 23.60
C CYS E 145 -12.81 -24.99 22.60
N LEU E 146 -12.79 -23.75 23.13
CA LEU E 146 -12.52 -22.53 22.34
C LEU E 146 -11.40 -22.77 21.37
N ARG E 147 -10.32 -23.35 21.87
CA ARG E 147 -9.20 -23.64 21.00
C ARG E 147 -9.57 -24.74 20.03
N ALA E 148 -10.50 -25.60 20.46
CA ALA E 148 -10.97 -26.72 19.64
C ALA E 148 -11.68 -26.13 18.42
N ILE E 149 -12.62 -25.25 18.76
CA ILE E 149 -13.43 -24.51 17.81
C ILE E 149 -12.48 -23.83 16.82
N VAL E 150 -11.55 -23.03 17.33
CA VAL E 150 -10.57 -22.36 16.47
C VAL E 150 -9.85 -23.42 15.59
N LEU E 151 -9.53 -24.55 16.20
CA LEU E 151 -8.83 -25.60 15.47
C LEU E 151 -9.68 -26.12 14.28
N PHE E 152 -10.95 -26.40 14.57
CA PHE E 152 -11.91 -26.90 13.58
C PHE E 152 -12.55 -25.75 12.72
N ASN E 153 -11.76 -25.15 11.82
CA ASN E 153 -12.31 -24.09 11.01
C ASN E 153 -12.56 -24.56 9.60
N PRO E 154 -13.84 -24.88 9.29
CA PRO E 154 -14.37 -25.35 8.03
C PRO E 154 -14.09 -24.45 6.86
N ASP E 155 -13.98 -23.15 7.12
CA ASP E 155 -13.73 -22.24 6.00
C ASP E 155 -12.30 -22.24 5.49
N SER E 156 -11.40 -22.98 6.12
CA SER E 156 -10.01 -22.97 5.70
C SER E 156 -9.89 -23.38 4.26
N LYS E 157 -9.24 -22.57 3.44
CA LYS E 157 -9.10 -22.89 2.02
C LYS E 157 -8.40 -24.23 1.84
N GLY E 158 -8.65 -24.89 0.70
CA GLY E 158 -8.02 -26.17 0.41
C GLY E 158 -8.55 -27.41 1.13
N LEU E 159 -9.06 -27.20 2.34
CA LEU E 159 -9.61 -28.28 3.15
C LEU E 159 -10.31 -29.26 2.22
N SER E 160 -9.98 -30.55 2.32
CA SER E 160 -10.68 -31.54 1.49
C SER E 160 -11.84 -32.13 2.31
N ASN E 161 -13.02 -31.73 1.91
CA ASN E 161 -14.22 -32.10 2.59
C ASN E 161 -14.23 -31.27 3.86
N PRO E 162 -14.76 -30.03 3.74
CA PRO E 162 -14.92 -28.98 4.76
C PRO E 162 -16.09 -29.40 5.60
N ALA E 163 -16.93 -30.17 4.94
CA ALA E 163 -18.12 -30.71 5.51
C ALA E 163 -17.84 -31.25 6.90
N GLU E 164 -16.82 -32.11 6.93
CA GLU E 164 -16.39 -32.81 8.13
C GLU E 164 -15.94 -31.97 9.32
N VAL E 165 -15.05 -31.01 9.02
CA VAL E 165 -14.53 -30.09 10.03
C VAL E 165 -15.66 -29.32 10.73
N GLU E 166 -16.62 -28.86 9.92
CA GLU E 166 -17.79 -28.13 10.40
C GLU E 166 -18.57 -28.98 11.40
N ALA E 167 -18.68 -30.27 11.07
CA ALA E 167 -19.38 -31.25 11.89
C ALA E 167 -18.79 -31.19 13.27
N LEU E 168 -17.49 -31.46 13.26
CA LEU E 168 -16.67 -31.47 14.46
C LEU E 168 -16.90 -30.23 15.34
N ARG E 169 -16.59 -29.07 14.77
CA ARG E 169 -16.75 -27.81 15.46
C ARG E 169 -18.12 -27.62 16.14
N GLU E 170 -19.16 -27.85 15.35
CA GLU E 170 -20.53 -27.67 15.82
C GLU E 170 -20.74 -28.58 17.05
N LYS E 171 -20.13 -29.76 16.98
CA LYS E 171 -20.19 -30.75 18.05
C LYS E 171 -19.50 -30.24 19.33
N VAL E 172 -18.60 -29.26 19.15
CA VAL E 172 -17.89 -28.66 20.27
C VAL E 172 -18.78 -27.62 20.96
N TYR E 173 -19.54 -26.85 20.17
CA TYR E 173 -20.41 -25.81 20.75
C TYR E 173 -21.41 -26.62 21.54
N ALA E 174 -21.61 -27.84 21.04
CA ALA E 174 -22.54 -28.79 21.65
C ALA E 174 -22.16 -29.07 23.09
N SER E 175 -20.96 -29.66 23.28
CA SER E 175 -20.48 -30.01 24.63
C SER E 175 -20.26 -28.77 25.44
N LEU E 176 -19.48 -27.86 24.89
CA LEU E 176 -19.16 -26.63 25.59
C LEU E 176 -20.37 -25.96 26.18
N GLU E 177 -21.48 -25.93 25.45
CA GLU E 177 -22.65 -25.27 26.02
C GLU E 177 -23.20 -26.15 27.13
N ALA E 178 -23.25 -27.45 26.87
CA ALA E 178 -23.72 -28.44 27.83
C ALA E 178 -22.81 -28.30 29.05
N TYR E 179 -21.52 -28.44 28.78
CA TYR E 179 -20.48 -28.32 29.77
C TYR E 179 -20.71 -27.09 30.62
N CYS E 180 -20.91 -25.94 29.98
CA CYS E 180 -21.14 -24.67 30.67
C CYS E 180 -22.42 -24.77 31.46
N LYS E 181 -23.35 -25.52 30.86
CA LYS E 181 -24.69 -25.73 31.40
C LYS E 181 -24.77 -26.30 32.81
N HIS E 182 -24.27 -27.51 33.04
CA HIS E 182 -24.34 -28.09 34.40
C HIS E 182 -23.14 -27.76 35.24
N LYS E 183 -22.31 -26.80 34.84
CA LYS E 183 -21.12 -26.47 35.63
C LYS E 183 -21.05 -25.06 36.17
N TYR E 184 -21.81 -24.16 35.58
CA TYR E 184 -21.87 -22.77 36.07
C TYR E 184 -23.34 -22.44 35.88
N PRO E 185 -24.25 -23.45 35.99
CA PRO E 185 -25.71 -23.30 35.82
C PRO E 185 -26.32 -21.94 36.15
N GLU E 186 -25.87 -21.28 37.21
CA GLU E 186 -26.42 -19.97 37.54
C GLU E 186 -26.09 -18.89 36.48
N GLN E 187 -25.27 -19.24 35.48
CA GLN E 187 -24.85 -18.32 34.41
C GLN E 187 -25.42 -18.69 33.05
N PRO E 188 -26.48 -17.97 32.61
CA PRO E 188 -27.15 -18.20 31.34
C PRO E 188 -26.25 -17.92 30.13
N GLY E 189 -25.76 -16.68 30.08
CA GLY E 189 -24.92 -16.25 28.98
C GLY E 189 -23.45 -16.65 29.00
N ARG E 190 -23.11 -17.59 29.88
CA ARG E 190 -21.74 -18.04 29.93
C ARG E 190 -21.32 -18.28 28.50
N PHE E 191 -22.01 -19.23 27.86
CA PHE E 191 -21.68 -19.62 26.50
C PHE E 191 -21.37 -18.48 25.52
N ALA E 192 -22.28 -17.52 25.40
CA ALA E 192 -22.05 -16.42 24.49
C ALA E 192 -20.71 -15.81 24.83
N LYS E 193 -20.60 -15.32 26.07
CA LYS E 193 -19.40 -14.66 26.61
C LYS E 193 -18.05 -15.33 26.36
N LEU E 194 -18.01 -16.66 26.29
CA LEU E 194 -16.75 -17.35 26.00
C LEU E 194 -16.46 -17.30 24.49
N LEU E 195 -17.51 -17.26 23.71
CA LEU E 195 -17.39 -17.25 22.26
C LEU E 195 -17.04 -15.86 21.74
N LEU E 196 -17.42 -14.84 22.50
CA LEU E 196 -17.15 -13.47 22.12
C LEU E 196 -15.70 -13.00 22.32
N ARG E 197 -14.84 -13.91 22.80
CA ARG E 197 -13.42 -13.61 22.95
C ARG E 197 -12.80 -14.10 21.65
N LEU E 198 -13.52 -14.98 20.96
CA LEU E 198 -13.01 -15.54 19.73
C LEU E 198 -12.75 -14.57 18.60
N PRO E 199 -13.57 -13.52 18.47
CA PRO E 199 -13.39 -12.53 17.41
C PRO E 199 -12.18 -11.69 17.78
N ALA E 200 -12.08 -11.36 19.06
CA ALA E 200 -10.94 -10.59 19.48
C ALA E 200 -9.67 -11.44 19.20
N LEU E 201 -9.70 -12.74 19.51
CA LEU E 201 -8.56 -13.60 19.24
C LEU E 201 -8.21 -13.52 17.77
N ARG E 202 -9.22 -13.47 16.93
CA ARG E 202 -9.01 -13.41 15.50
C ARG E 202 -8.36 -12.07 15.09
N SER E 203 -8.96 -11.01 15.63
CA SER E 203 -8.55 -9.64 15.42
C SER E 203 -7.08 -9.49 15.76
N ILE E 204 -6.75 -9.82 17.02
CA ILE E 204 -5.40 -9.74 17.50
C ILE E 204 -4.45 -10.64 16.74
N GLY E 205 -4.85 -11.89 16.54
CA GLY E 205 -4.01 -12.85 15.86
C GLY E 205 -3.61 -12.36 14.51
N LEU E 206 -4.57 -11.73 13.83
CA LEU E 206 -4.34 -11.17 12.50
C LEU E 206 -3.23 -10.15 12.52
N LYS E 207 -3.29 -9.24 13.49
CA LYS E 207 -2.30 -8.20 13.67
C LYS E 207 -0.91 -8.76 13.96
N CYS E 208 -0.84 -9.70 14.90
CA CYS E 208 0.39 -10.36 15.29
C CYS E 208 1.04 -10.93 14.06
N LEU E 209 0.22 -11.62 13.30
CA LEU E 209 0.67 -12.22 12.07
C LEU E 209 1.29 -11.18 11.13
N GLU E 210 0.69 -10.00 11.10
CA GLU E 210 1.18 -8.93 10.26
C GLU E 210 2.56 -8.49 10.75
N HIS E 211 2.74 -8.34 12.06
CA HIS E 211 4.02 -7.95 12.62
C HIS E 211 5.08 -8.95 12.37
N LEU E 212 4.76 -10.23 12.53
CA LEU E 212 5.75 -11.25 12.26
C LEU E 212 6.22 -11.19 10.82
N PHE E 213 5.32 -10.99 9.87
CA PHE E 213 5.82 -10.90 8.53
C PHE E 213 6.75 -9.69 8.44
N PHE E 214 6.45 -8.61 9.16
CA PHE E 214 7.33 -7.45 9.16
C PHE E 214 8.71 -7.79 9.76
N PHE E 215 8.74 -8.50 10.89
CA PHE E 215 10.00 -8.90 11.52
C PHE E 215 10.80 -9.87 10.66
N LYS E 216 10.13 -10.42 9.68
CA LYS E 216 10.76 -11.38 8.82
C LYS E 216 11.32 -10.75 7.56
N LEU E 217 10.53 -9.91 6.88
CA LEU E 217 10.98 -9.27 5.64
C LEU E 217 11.73 -7.98 5.92
N ILE E 218 12.48 -8.01 7.02
CA ILE E 218 13.32 -6.92 7.53
C ILE E 218 14.46 -7.72 8.14
N GLY E 219 14.41 -9.02 7.84
CA GLY E 219 15.36 -10.05 8.27
C GLY E 219 16.14 -9.95 9.57
N ASP E 220 15.68 -9.14 10.53
CA ASP E 220 16.43 -8.96 11.78
C ASP E 220 16.23 -9.91 12.92
N THR E 221 14.99 -10.36 13.13
CA THR E 221 14.71 -11.29 14.22
C THR E 221 15.03 -12.73 13.87
N PRO E 222 15.66 -13.45 14.80
CA PRO E 222 16.00 -14.85 14.54
C PRO E 222 14.69 -15.63 14.68
N ILE E 223 14.15 -16.07 13.55
CA ILE E 223 12.91 -16.85 13.54
C ILE E 223 13.41 -18.27 13.41
N ASP E 224 13.10 -19.16 14.35
CA ASP E 224 13.58 -20.53 14.22
C ASP E 224 12.90 -21.23 13.06
N THR E 225 13.19 -22.51 12.84
CA THR E 225 12.63 -23.24 11.70
C THR E 225 11.17 -23.66 11.65
N PHE E 226 10.62 -24.15 12.76
CA PHE E 226 9.23 -24.55 12.75
C PHE E 226 8.40 -23.30 12.47
N LEU E 227 8.52 -22.29 13.34
CA LEU E 227 7.80 -21.02 13.17
C LEU E 227 8.01 -20.48 11.79
N MET E 228 9.17 -20.77 11.19
CA MET E 228 9.49 -20.29 9.86
C MET E 228 8.68 -20.96 8.72
N GLU E 229 8.27 -22.19 8.96
CA GLU E 229 7.49 -22.97 8.00
C GLU E 229 6.06 -22.51 8.04
N MET E 230 5.56 -22.25 9.24
CA MET E 230 4.20 -21.78 9.39
C MET E 230 4.15 -20.39 8.84
N LEU E 231 5.32 -19.80 8.65
CA LEU E 231 5.37 -18.44 8.14
C LEU E 231 5.65 -18.39 6.67
N GLU E 232 5.83 -19.55 6.06
CA GLU E 232 6.11 -19.56 4.63
C GLU E 232 5.02 -20.28 3.86
N ALA E 233 4.64 -19.75 2.71
CA ALA E 233 3.59 -20.39 1.91
C ALA E 233 4.17 -21.59 1.21
N PRO E 234 3.31 -22.57 0.89
CA PRO E 234 3.69 -23.81 0.20
C PRO E 234 4.12 -23.61 -1.27
N ALA F 30 -39.62 -14.70 27.36
CA ALA F 30 -39.87 -13.79 28.52
C ALA F 30 -40.35 -12.41 28.08
N GLU F 31 -40.16 -11.43 28.96
CA GLU F 31 -40.54 -10.05 28.66
C GLU F 31 -39.26 -9.41 28.11
N LEU F 32 -38.29 -10.30 27.89
CA LEU F 32 -36.99 -9.98 27.32
C LEU F 32 -37.22 -9.86 25.83
N ASP F 33 -38.49 -9.94 25.41
CA ASP F 33 -38.86 -9.85 24.01
C ASP F 33 -39.47 -8.54 23.64
N ASP F 34 -39.60 -7.66 24.62
CA ASP F 34 -40.10 -6.32 24.36
C ASP F 34 -38.90 -5.71 23.63
N LEU F 35 -37.72 -6.12 24.09
CA LEU F 35 -36.44 -5.68 23.56
C LEU F 35 -36.20 -6.29 22.19
N THR F 36 -36.34 -7.61 22.09
CA THR F 36 -36.15 -8.27 20.81
C THR F 36 -36.99 -7.47 19.82
N GLU F 37 -38.29 -7.55 20.06
CA GLU F 37 -39.29 -6.88 19.26
C GLU F 37 -38.79 -5.50 18.85
N LYS F 38 -38.37 -4.69 19.81
CA LYS F 38 -37.92 -3.34 19.48
C LYS F 38 -36.78 -3.24 18.47
N ILE F 39 -35.75 -4.07 18.66
CA ILE F 39 -34.60 -4.06 17.75
C ILE F 39 -35.07 -4.40 16.34
N ARG F 40 -35.80 -5.49 16.22
CA ARG F 40 -36.30 -5.90 14.91
C ARG F 40 -37.02 -4.73 14.21
N LYS F 41 -37.61 -3.84 14.98
CA LYS F 41 -38.28 -2.70 14.37
C LYS F 41 -37.28 -1.66 13.90
N ALA F 42 -36.25 -1.38 14.71
CA ALA F 42 -35.24 -0.41 14.34
C ALA F 42 -34.47 -0.88 13.12
N HIS F 43 -34.13 -2.16 13.09
CA HIS F 43 -33.43 -2.67 11.93
C HIS F 43 -34.33 -2.44 10.72
N GLN F 44 -35.49 -3.08 10.69
CA GLN F 44 -36.39 -2.92 9.57
C GLN F 44 -36.65 -1.50 9.07
N GLU F 45 -36.63 -0.53 9.97
CA GLU F 45 -36.91 0.85 9.59
C GLU F 45 -35.69 1.67 9.23
N THR F 46 -34.51 1.07 9.36
CA THR F 46 -33.27 1.74 9.02
C THR F 46 -32.59 0.96 7.89
N PHE F 47 -33.17 -0.17 7.53
CA PHE F 47 -32.62 -0.97 6.46
C PHE F 47 -33.69 -1.80 5.73
N PRO F 48 -34.12 -1.33 4.55
CA PRO F 48 -35.13 -2.01 3.76
C PRO F 48 -34.68 -3.35 3.19
N SER F 49 -35.62 -4.27 3.06
CA SER F 49 -35.36 -5.60 2.58
C SER F 49 -34.98 -5.62 1.16
N LEU F 50 -34.49 -6.75 0.73
CA LEU F 50 -34.07 -6.95 -0.63
C LEU F 50 -35.29 -7.23 -1.52
N CYS F 51 -36.31 -7.81 -0.89
CA CYS F 51 -37.52 -8.21 -1.60
C CYS F 51 -38.49 -7.07 -1.73
N GLN F 52 -38.30 -6.02 -0.98
CA GLN F 52 -39.24 -4.94 -1.11
C GLN F 52 -38.68 -3.75 -1.89
N LEU F 53 -37.49 -3.94 -2.42
CA LEU F 53 -36.77 -2.91 -3.14
C LEU F 53 -36.81 -3.16 -4.63
N GLY F 54 -37.18 -2.13 -5.39
CA GLY F 54 -37.23 -2.24 -6.83
C GLY F 54 -35.86 -1.87 -7.32
N LYS F 55 -35.25 -2.83 -8.01
CA LYS F 55 -33.89 -2.75 -8.54
C LYS F 55 -33.63 -2.11 -9.86
N TYR F 56 -32.57 -1.35 -9.94
CA TYR F 56 -32.18 -0.82 -11.24
C TYR F 56 -30.69 -1.08 -11.37
N THR F 57 -30.23 -1.22 -12.60
CA THR F 57 -28.84 -1.50 -12.86
C THR F 57 -28.20 -0.40 -13.68
N THR F 58 -26.94 -0.62 -14.03
CA THR F 58 -26.19 0.32 -14.84
C THR F 58 -25.17 -0.51 -15.57
N ASN F 59 -24.63 0.02 -16.66
CA ASN F 59 -23.62 -0.74 -17.41
C ASN F 59 -22.24 -0.11 -17.29
N SER F 60 -22.18 1.12 -16.79
CA SER F 60 -20.90 1.73 -16.65
C SER F 60 -20.03 0.88 -15.71
N SER F 61 -18.87 0.44 -16.21
CA SER F 61 -17.91 -0.36 -15.47
C SER F 61 -18.41 -1.76 -15.21
N ALA F 62 -19.21 -2.29 -16.11
CA ALA F 62 -19.76 -3.59 -15.86
C ALA F 62 -19.04 -4.72 -16.54
N ASP F 63 -18.18 -4.37 -17.50
CA ASP F 63 -17.42 -5.34 -18.30
C ASP F 63 -16.16 -5.88 -17.65
N HIS F 64 -15.44 -5.02 -16.93
CA HIS F 64 -14.21 -5.44 -16.24
C HIS F 64 -13.61 -4.44 -15.23
N ARG F 65 -12.79 -4.99 -14.33
CA ARG F 65 -12.20 -4.18 -13.28
C ARG F 65 -11.24 -3.10 -13.69
N VAL F 66 -11.14 -2.08 -12.85
CA VAL F 66 -10.29 -0.95 -13.08
C VAL F 66 -10.00 -0.36 -11.71
N ARG F 67 -9.05 0.54 -11.64
CA ARG F 67 -8.73 1.13 -10.37
C ARG F 67 -10.01 1.69 -9.74
N LEU F 68 -10.81 2.43 -10.51
CA LEU F 68 -11.99 3.02 -9.90
C LEU F 68 -12.88 3.92 -10.76
N ASP F 69 -14.02 3.40 -11.22
CA ASP F 69 -15.00 4.20 -12.00
C ASP F 69 -15.62 5.34 -11.15
N LEU F 70 -15.24 6.56 -11.49
CA LEU F 70 -15.69 7.75 -10.78
C LEU F 70 -17.18 7.92 -10.65
N GLY F 71 -17.94 7.59 -11.69
CA GLY F 71 -19.38 7.71 -11.54
C GLY F 71 -19.78 6.79 -10.41
N LEU F 72 -19.56 5.49 -10.63
CA LEU F 72 -19.85 4.49 -9.63
C LEU F 72 -19.38 5.01 -8.29
N TRP F 73 -18.12 5.39 -8.14
CA TRP F 73 -17.71 5.89 -6.84
C TRP F 73 -18.65 6.99 -6.24
N ASP F 74 -19.16 7.87 -7.08
CA ASP F 74 -20.01 8.96 -6.60
C ASP F 74 -21.36 8.50 -6.10
N LYS F 75 -21.98 7.55 -6.81
CA LYS F 75 -23.25 7.01 -6.39
C LYS F 75 -22.98 6.33 -5.04
N PHE F 76 -22.15 5.29 -5.11
CA PHE F 76 -21.77 4.51 -3.95
C PHE F 76 -21.47 5.33 -2.68
N SER F 77 -20.64 6.35 -2.81
CA SER F 77 -20.26 7.16 -1.68
C SER F 77 -21.42 7.82 -1.05
N GLU F 78 -22.37 8.27 -1.88
CA GLU F 78 -23.55 8.95 -1.37
C GLU F 78 -24.38 7.99 -0.56
N LEU F 79 -24.64 6.84 -1.14
CA LEU F 79 -25.42 5.84 -0.46
C LEU F 79 -24.72 5.60 0.88
N ALA F 80 -23.44 5.29 0.80
CA ALA F 80 -22.65 5.03 1.99
C ALA F 80 -22.97 6.07 3.05
N THR F 81 -22.80 7.33 2.70
CA THR F 81 -23.07 8.41 3.64
C THR F 81 -24.43 8.22 4.30
N LYS F 82 -25.43 7.99 3.46
CA LYS F 82 -26.79 7.83 3.92
C LYS F 82 -26.86 6.69 4.89
N CYS F 83 -26.34 5.54 4.47
CA CYS F 83 -26.35 4.36 5.31
C CYS F 83 -25.67 4.59 6.68
N ILE F 84 -24.54 5.29 6.71
CA ILE F 84 -23.89 5.55 7.98
C ILE F 84 -24.90 6.28 8.86
N ILE F 85 -25.65 7.18 8.26
CA ILE F 85 -26.65 7.92 9.05
C ILE F 85 -27.68 6.94 9.61
N LYS F 86 -28.24 6.12 8.73
CA LYS F 86 -29.23 5.13 9.13
C LYS F 86 -28.73 4.20 10.24
N ILE F 87 -27.42 3.91 10.24
CA ILE F 87 -26.83 3.05 11.27
C ILE F 87 -26.82 3.77 12.61
N VAL F 88 -26.66 5.09 12.59
CA VAL F 88 -26.65 5.90 13.81
C VAL F 88 -28.08 5.94 14.36
N GLU F 89 -29.01 6.02 13.42
CA GLU F 89 -30.43 6.05 13.70
C GLU F 89 -30.76 4.73 14.42
N PHE F 90 -30.36 3.61 13.80
CA PHE F 90 -30.56 2.29 14.37
C PHE F 90 -29.89 2.23 15.74
N ALA F 91 -28.74 2.89 15.83
CA ALA F 91 -28.01 2.90 17.06
C ALA F 91 -28.87 3.52 18.15
N LYS F 92 -29.19 4.80 17.96
CA LYS F 92 -29.99 5.51 18.95
C LYS F 92 -31.24 4.74 19.41
N ARG F 93 -31.91 4.02 18.50
CA ARG F 93 -33.10 3.24 18.82
C ARG F 93 -32.83 2.01 19.68
N LEU F 94 -31.56 1.72 19.92
CA LEU F 94 -31.26 0.54 20.72
C LEU F 94 -31.46 0.76 22.21
N PRO F 95 -32.25 -0.11 22.86
CA PRO F 95 -32.51 -0.01 24.30
C PRO F 95 -31.24 0.26 25.12
N GLY F 96 -31.21 1.37 25.82
CA GLY F 96 -30.05 1.68 26.63
C GLY F 96 -28.97 2.44 25.91
N PHE F 97 -28.74 2.12 24.65
CA PHE F 97 -27.70 2.81 23.91
C PHE F 97 -27.71 4.27 24.24
N THR F 98 -28.84 4.90 23.95
CA THR F 98 -28.99 6.33 24.18
C THR F 98 -28.39 6.70 25.52
N GLY F 99 -28.92 6.13 26.59
CA GLY F 99 -28.37 6.41 27.90
C GLY F 99 -26.98 5.82 27.98
N LEU F 100 -25.99 6.59 27.52
CA LEU F 100 -24.60 6.13 27.50
C LEU F 100 -23.73 7.30 27.07
N THR F 101 -22.50 7.34 27.58
CA THR F 101 -21.55 8.42 27.28
C THR F 101 -21.42 8.71 25.80
N ILE F 102 -21.28 9.96 25.44
CA ILE F 102 -21.15 10.27 24.05
C ILE F 102 -19.88 9.73 23.47
N ALA F 103 -18.75 10.09 24.06
CA ALA F 103 -17.46 9.62 23.54
C ALA F 103 -17.47 8.11 23.49
N ASP F 104 -18.25 7.51 24.38
CA ASP F 104 -18.38 6.07 24.43
C ASP F 104 -19.27 5.57 23.30
N GLN F 105 -20.34 6.32 23.03
CA GLN F 105 -21.26 6.00 21.94
C GLN F 105 -20.50 6.17 20.62
N ILE F 106 -20.02 7.38 20.37
CA ILE F 106 -19.25 7.64 19.17
C ILE F 106 -18.20 6.54 19.03
N THR F 107 -17.62 6.14 20.14
CA THR F 107 -16.59 5.11 20.09
C THR F 107 -17.15 3.75 19.65
N LEU F 108 -18.24 3.33 20.30
CA LEU F 108 -18.88 2.06 19.97
C LEU F 108 -19.28 2.00 18.50
N LEU F 109 -19.80 3.12 17.99
CA LEU F 109 -20.24 3.28 16.60
C LEU F 109 -19.05 3.37 15.65
N LYS F 110 -18.06 4.16 16.06
CA LYS F 110 -16.86 4.31 15.27
C LYS F 110 -16.27 2.92 15.03
N ALA F 111 -16.23 2.11 16.10
CA ALA F 111 -15.70 0.74 16.08
C ALA F 111 -16.48 -0.30 15.29
N ALA F 112 -17.80 -0.14 15.27
CA ALA F 112 -18.67 -1.09 14.62
C ALA F 112 -19.26 -0.71 13.27
N CYS F 113 -19.29 0.59 12.96
CA CYS F 113 -19.89 1.03 11.70
C CYS F 113 -19.59 0.19 10.48
N LEU F 114 -18.32 0.07 10.12
CA LEU F 114 -17.96 -0.71 8.95
C LEU F 114 -18.36 -2.17 9.10
N ASP F 115 -18.53 -2.60 10.34
CA ASP F 115 -18.92 -3.97 10.65
C ASP F 115 -20.36 -4.17 10.18
N ILE F 116 -21.23 -3.28 10.63
CA ILE F 116 -22.63 -3.26 10.32
C ILE F 116 -22.86 -3.05 8.82
N LEU F 117 -22.07 -2.16 8.21
CA LEU F 117 -22.22 -1.90 6.78
C LEU F 117 -22.07 -3.18 5.99
N ILE F 118 -21.02 -3.96 6.31
CA ILE F 118 -20.78 -5.20 5.60
C ILE F 118 -21.93 -6.18 5.83
N LEU F 119 -22.34 -6.35 7.08
CA LEU F 119 -23.44 -7.26 7.34
C LEU F 119 -24.60 -6.81 6.49
N ARG F 120 -25.01 -5.56 6.63
CA ARG F 120 -26.12 -5.05 5.82
C ARG F 120 -26.04 -5.31 4.33
N ILE F 121 -24.99 -4.85 3.67
CA ILE F 121 -24.92 -5.06 2.24
C ILE F 121 -24.97 -6.53 1.85
N CYS F 122 -24.40 -7.39 2.68
CA CYS F 122 -24.37 -8.80 2.35
C CYS F 122 -25.71 -9.50 2.45
N THR F 123 -26.66 -8.83 3.09
CA THR F 123 -28.01 -9.36 3.16
C THR F 123 -28.79 -8.85 1.94
N ARG F 124 -28.16 -8.04 1.08
CA ARG F 124 -28.77 -7.54 -0.15
C ARG F 124 -28.14 -8.26 -1.34
N TYR F 125 -27.65 -9.48 -1.08
CA TYR F 125 -27.00 -10.32 -2.09
C TYR F 125 -27.95 -11.26 -2.79
N THR F 126 -27.90 -11.24 -4.12
CA THR F 126 -28.73 -12.08 -4.96
C THR F 126 -27.78 -13.10 -5.58
N PRO F 127 -27.79 -14.32 -5.05
CA PRO F 127 -26.95 -15.41 -5.51
C PRO F 127 -26.99 -15.56 -7.01
N GLU F 128 -28.11 -16.06 -7.49
CA GLU F 128 -28.36 -16.26 -8.92
C GLU F 128 -27.68 -15.23 -9.83
N GLN F 129 -27.90 -13.95 -9.55
CA GLN F 129 -27.32 -12.87 -10.34
C GLN F 129 -25.96 -12.34 -9.85
N ASP F 130 -25.49 -12.79 -8.69
CA ASP F 130 -24.20 -12.34 -8.14
C ASP F 130 -24.20 -10.83 -8.04
N THR F 131 -25.11 -10.30 -7.26
CA THR F 131 -25.21 -8.86 -7.15
C THR F 131 -25.65 -8.37 -5.78
N MET F 132 -25.29 -7.12 -5.51
CA MET F 132 -25.73 -6.55 -4.28
C MET F 132 -26.55 -5.35 -4.70
N THR F 133 -27.54 -5.06 -3.85
CA THR F 133 -28.49 -4.00 -4.07
C THR F 133 -28.46 -3.01 -2.94
N PHE F 134 -28.24 -1.77 -3.31
CA PHE F 134 -28.15 -0.70 -2.33
C PHE F 134 -29.50 -0.13 -2.03
N SER F 135 -29.63 0.61 -0.95
CA SER F 135 -30.92 1.12 -0.54
C SER F 135 -31.86 1.78 -1.55
N ASP F 136 -31.34 2.28 -2.66
CA ASP F 136 -32.19 2.93 -3.63
C ASP F 136 -32.45 1.93 -4.72
N GLY F 137 -32.08 0.69 -4.45
CA GLY F 137 -32.29 -0.36 -5.42
C GLY F 137 -31.16 -0.47 -6.42
N LEU F 138 -30.18 0.44 -6.36
CA LEU F 138 -29.07 0.35 -7.28
C LEU F 138 -28.50 -1.09 -7.17
N THR F 139 -28.35 -1.77 -8.31
CA THR F 139 -27.90 -3.15 -8.26
C THR F 139 -26.69 -3.46 -9.13
N LEU F 140 -25.56 -3.57 -8.42
CA LEU F 140 -24.25 -3.82 -8.99
C LEU F 140 -23.82 -5.26 -8.98
N ASN F 141 -23.13 -5.69 -10.04
CA ASN F 141 -22.57 -7.05 -10.11
C ASN F 141 -21.20 -6.96 -9.43
N ARG F 142 -20.58 -8.10 -9.21
CA ARG F 142 -19.27 -8.14 -8.54
C ARG F 142 -18.27 -7.05 -9.06
N THR F 143 -17.97 -7.10 -10.34
CA THR F 143 -17.08 -6.15 -10.92
C THR F 143 -17.44 -4.69 -10.60
N GLN F 144 -18.72 -4.35 -10.60
CA GLN F 144 -19.12 -2.96 -10.30
C GLN F 144 -18.96 -2.71 -8.82
N MET F 145 -19.21 -3.77 -8.05
CA MET F 145 -19.07 -3.65 -6.63
C MET F 145 -17.64 -3.22 -6.39
N HIS F 146 -16.72 -3.75 -7.19
CA HIS F 146 -15.31 -3.44 -7.11
C HIS F 146 -15.03 -2.04 -7.64
N ASN F 147 -15.22 -1.88 -8.94
CA ASN F 147 -14.98 -0.61 -9.60
C ASN F 147 -15.58 0.57 -8.86
N ALA F 148 -16.50 0.32 -7.94
CA ALA F 148 -17.15 1.39 -7.19
C ALA F 148 -16.40 1.82 -5.94
N GLY F 149 -15.44 0.98 -5.52
CA GLY F 149 -14.65 1.29 -4.36
C GLY F 149 -14.29 0.15 -3.40
N PHE F 150 -14.90 -1.03 -3.61
CA PHE F 150 -14.62 -2.15 -2.72
C PHE F 150 -13.26 -2.66 -3.08
N GLY F 151 -12.90 -2.46 -4.35
CA GLY F 151 -11.61 -2.90 -4.83
C GLY F 151 -11.25 -4.29 -4.35
N PRO F 152 -10.12 -4.43 -3.64
CA PRO F 152 -9.51 -5.64 -3.05
C PRO F 152 -10.41 -6.36 -2.04
N LEU F 153 -11.18 -5.55 -1.33
CA LEU F 153 -12.10 -5.96 -0.30
C LEU F 153 -13.29 -6.76 -0.84
N THR F 154 -13.43 -6.78 -2.17
CA THR F 154 -14.55 -7.41 -2.86
C THR F 154 -14.83 -8.90 -2.74
N ASP F 155 -14.10 -9.76 -3.44
CA ASP F 155 -14.40 -11.19 -3.32
C ASP F 155 -14.50 -11.63 -1.85
N LEU F 156 -14.03 -10.78 -0.93
CA LEU F 156 -14.08 -11.11 0.49
C LEU F 156 -15.45 -10.94 1.07
N VAL F 157 -16.11 -9.85 0.68
CA VAL F 157 -17.44 -9.52 1.17
C VAL F 157 -18.45 -10.43 0.49
N PHE F 158 -18.20 -10.78 -0.78
CA PHE F 158 -19.06 -11.71 -1.49
C PHE F 158 -18.96 -13.12 -0.86
N THR F 159 -17.85 -13.42 -0.20
CA THR F 159 -17.72 -14.72 0.44
C THR F 159 -18.67 -14.72 1.63
N PHE F 160 -18.60 -13.68 2.42
CA PHE F 160 -19.44 -13.55 3.57
C PHE F 160 -20.88 -13.61 3.08
N ALA F 161 -21.15 -12.92 1.98
CA ALA F 161 -22.49 -12.92 1.43
C ALA F 161 -22.98 -14.38 1.28
N ASN F 162 -22.17 -15.24 0.71
CA ASN F 162 -22.56 -16.62 0.55
C ASN F 162 -22.53 -17.35 1.90
N GLN F 163 -21.50 -17.09 2.69
CA GLN F 163 -21.43 -17.74 3.99
C GLN F 163 -22.71 -17.48 4.75
N LEU F 164 -23.40 -16.42 4.39
CA LEU F 164 -24.58 -16.09 5.12
C LEU F 164 -25.85 -16.85 4.68
N LEU F 165 -25.99 -17.09 3.38
CA LEU F 165 -27.18 -17.77 2.91
C LEU F 165 -27.60 -19.00 3.71
N PRO F 166 -26.68 -19.97 3.90
CA PRO F 166 -27.06 -21.17 4.67
C PRO F 166 -27.68 -20.89 6.02
N LEU F 167 -27.40 -19.74 6.60
CA LEU F 167 -27.92 -19.42 7.93
C LEU F 167 -29.42 -19.04 7.91
N GLU F 168 -29.88 -18.62 6.72
CA GLU F 168 -31.25 -18.16 6.49
C GLU F 168 -31.71 -17.35 7.67
N MET F 169 -30.94 -16.30 7.95
CA MET F 169 -31.26 -15.44 9.06
C MET F 169 -32.50 -14.64 8.72
N ASP F 170 -33.05 -13.93 9.67
CA ASP F 170 -34.21 -13.12 9.34
C ASP F 170 -33.89 -11.74 9.85
N ASP F 171 -34.84 -10.82 9.71
CA ASP F 171 -34.68 -9.43 10.14
C ASP F 171 -34.37 -9.25 11.60
N THR F 172 -35.10 -9.96 12.45
CA THR F 172 -34.88 -9.79 13.86
C THR F 172 -33.50 -10.33 14.20
N GLU F 173 -33.13 -11.43 13.58
CA GLU F 173 -31.82 -12.01 13.82
C GLU F 173 -30.75 -11.00 13.34
N THR F 174 -30.83 -10.57 12.09
CA THR F 174 -29.85 -9.60 11.61
C THR F 174 -29.87 -8.32 12.44
N GLY F 175 -31.01 -7.99 13.01
CA GLY F 175 -31.11 -6.78 13.81
C GLY F 175 -30.35 -6.98 15.09
N LEU F 176 -30.59 -8.10 15.74
CA LEU F 176 -29.90 -8.46 16.97
C LEU F 176 -28.41 -8.50 16.72
N LEU F 177 -27.96 -9.35 15.79
CA LEU F 177 -26.55 -9.44 15.48
C LEU F 177 -25.95 -8.04 15.33
N SER F 178 -26.56 -7.20 14.50
CA SER F 178 -26.07 -5.85 14.29
C SER F 178 -25.92 -5.14 15.62
N ALA F 179 -26.96 -5.22 16.45
CA ALA F 179 -26.93 -4.59 17.76
C ALA F 179 -25.83 -5.17 18.68
N ILE F 180 -25.41 -6.41 18.46
CA ILE F 180 -24.37 -7.03 19.27
C ILE F 180 -22.96 -6.61 18.85
N CYS F 181 -22.79 -6.15 17.61
CA CYS F 181 -21.49 -5.68 17.16
C CYS F 181 -21.39 -4.29 17.71
N LEU F 182 -22.48 -3.55 17.61
CA LEU F 182 -22.51 -2.19 18.09
C LEU F 182 -22.30 -2.10 19.61
N ILE F 183 -23.13 -2.80 20.39
CA ILE F 183 -22.98 -2.76 21.83
C ILE F 183 -21.91 -3.76 22.16
N CYS F 184 -20.67 -3.31 22.16
CA CYS F 184 -19.54 -4.18 22.48
C CYS F 184 -18.68 -3.52 23.51
N GLY F 185 -18.32 -4.28 24.56
CA GLY F 185 -17.50 -3.73 25.62
C GLY F 185 -15.97 -3.85 25.53
N ASP F 186 -15.42 -4.33 24.41
CA ASP F 186 -13.97 -4.46 24.25
C ASP F 186 -13.36 -3.19 23.71
N ARG F 187 -14.06 -2.57 22.76
CA ARG F 187 -13.60 -1.35 22.13
C ARG F 187 -12.73 -0.54 23.11
N GLN F 188 -11.55 -0.16 22.64
CA GLN F 188 -10.64 0.62 23.44
C GLN F 188 -11.22 2.03 23.62
N ASP F 189 -10.94 2.63 24.77
CA ASP F 189 -11.42 3.99 25.08
C ASP F 189 -12.85 4.01 25.60
N LEU F 190 -13.22 2.95 26.30
CA LEU F 190 -14.57 2.88 26.84
C LEU F 190 -14.59 3.35 28.29
N GLU F 191 -15.36 4.40 28.54
CA GLU F 191 -15.49 4.93 29.87
C GLU F 191 -16.21 3.99 30.80
N GLU F 192 -17.35 3.44 30.37
CA GLU F 192 -18.12 2.54 31.23
C GLU F 192 -18.18 1.10 30.72
N PRO F 193 -17.11 0.62 30.10
CA PRO F 193 -17.18 -0.75 29.61
C PRO F 193 -18.18 -1.70 30.28
N THR F 194 -18.01 -1.96 31.56
CA THR F 194 -18.90 -2.91 32.26
C THR F 194 -20.39 -2.63 32.03
N LYS F 195 -20.71 -1.35 31.86
CA LYS F 195 -22.08 -0.91 31.61
C LYS F 195 -22.40 -1.44 30.20
N VAL F 196 -21.51 -1.09 29.27
CA VAL F 196 -21.63 -1.50 27.88
C VAL F 196 -21.54 -3.02 27.75
N ASP F 197 -20.87 -3.66 28.68
CA ASP F 197 -20.77 -5.10 28.60
C ASP F 197 -22.11 -5.75 28.95
N LYS F 198 -22.67 -5.35 30.10
CA LYS F 198 -23.96 -5.90 30.54
C LYS F 198 -25.10 -5.32 29.69
N LEU F 199 -24.88 -4.17 29.04
CA LEU F 199 -25.93 -3.61 28.19
C LEU F 199 -26.21 -4.58 27.04
N GLN F 200 -25.17 -5.30 26.62
CA GLN F 200 -25.29 -6.27 25.54
C GLN F 200 -25.53 -7.70 26.07
N GLU F 201 -25.77 -7.82 27.38
CA GLU F 201 -25.98 -9.14 27.98
C GLU F 201 -27.30 -9.80 27.55
N PRO F 202 -28.40 -9.03 27.56
CA PRO F 202 -29.67 -9.61 27.15
C PRO F 202 -29.68 -9.84 25.64
N LEU F 203 -29.07 -8.92 24.88
CA LEU F 203 -29.02 -9.08 23.42
C LEU F 203 -28.50 -10.48 23.14
N LEU F 204 -27.45 -10.88 23.83
CA LEU F 204 -26.90 -12.20 23.59
C LEU F 204 -27.91 -13.29 23.95
N GLU F 205 -28.76 -12.98 24.93
CA GLU F 205 -29.80 -13.92 25.41
C GLU F 205 -30.98 -13.95 24.45
N ALA F 206 -31.43 -12.75 24.04
CA ALA F 206 -32.51 -12.63 23.08
C ALA F 206 -32.13 -13.44 21.83
N LEU F 207 -31.01 -13.10 21.21
CA LEU F 207 -30.57 -13.81 20.02
C LEU F 207 -30.53 -15.32 20.24
N LYS F 208 -30.14 -15.76 21.44
CA LYS F 208 -30.09 -17.20 21.67
C LYS F 208 -31.49 -17.77 21.72
N ILE F 209 -32.33 -17.22 22.60
CA ILE F 209 -33.68 -17.73 22.69
C ILE F 209 -34.35 -17.72 21.32
N TYR F 210 -34.48 -16.51 20.74
CA TYR F 210 -35.12 -16.33 19.44
C TYR F 210 -34.67 -17.26 18.31
N ILE F 211 -33.39 -17.47 18.13
CA ILE F 211 -32.96 -18.35 17.06
C ILE F 211 -33.40 -19.78 17.37
N ARG F 212 -33.31 -20.14 18.66
CA ARG F 212 -33.65 -21.46 19.16
C ARG F 212 -35.16 -21.81 19.02
N LYS F 213 -36.01 -20.87 19.47
CA LYS F 213 -37.45 -21.02 19.40
C LYS F 213 -37.88 -21.06 17.93
N ARG F 214 -37.28 -20.22 17.10
CA ARG F 214 -37.62 -20.16 15.69
C ARG F 214 -37.12 -21.36 14.87
N ARG F 215 -36.07 -22.03 15.32
CA ARG F 215 -35.58 -23.16 14.54
C ARG F 215 -35.18 -24.36 15.38
N PRO F 216 -36.13 -24.85 16.19
CA PRO F 216 -35.87 -26.00 17.05
C PRO F 216 -34.96 -27.13 16.52
N SER F 217 -35.19 -27.64 15.32
CA SER F 217 -34.33 -28.73 14.87
C SER F 217 -32.84 -28.40 14.66
N LYS F 218 -32.48 -27.11 14.59
CA LYS F 218 -31.10 -26.65 14.40
C LYS F 218 -30.71 -25.70 15.55
N PRO F 219 -30.40 -26.23 16.76
CA PRO F 219 -30.06 -25.34 17.88
C PRO F 219 -28.62 -24.81 17.86
N HIS F 220 -27.85 -25.36 16.92
CA HIS F 220 -26.47 -25.03 16.73
C HIS F 220 -26.39 -23.79 15.81
N MET F 221 -27.53 -23.12 15.62
CA MET F 221 -27.58 -21.95 14.76
C MET F 221 -27.35 -20.69 15.55
N PHE F 222 -27.37 -20.80 16.87
CA PHE F 222 -27.12 -19.64 17.72
C PHE F 222 -25.63 -19.38 17.72
N PRO F 223 -24.84 -20.39 18.13
CA PRO F 223 -23.42 -20.09 18.10
C PRO F 223 -22.92 -19.80 16.65
N LYS F 224 -23.46 -20.56 15.70
CA LYS F 224 -23.12 -20.50 14.28
C LYS F 224 -23.24 -19.11 13.65
N ILE F 225 -24.30 -18.39 14.07
CA ILE F 225 -24.58 -17.06 13.57
C ILE F 225 -23.90 -16.04 14.43
N LEU F 226 -23.70 -16.38 15.70
CA LEU F 226 -23.05 -15.48 16.62
C LEU F 226 -21.62 -15.31 16.18
N MET F 227 -21.03 -16.43 15.77
CA MET F 227 -19.66 -16.44 15.36
C MET F 227 -19.38 -15.79 14.02
N LYS F 228 -20.39 -15.38 13.30
CA LYS F 228 -20.14 -14.76 12.01
C LYS F 228 -19.41 -13.47 12.29
N ILE F 229 -19.64 -12.95 13.48
CA ILE F 229 -18.98 -11.74 13.93
C ILE F 229 -17.44 -11.82 13.73
N THR F 230 -16.90 -13.02 13.86
CA THR F 230 -15.49 -13.20 13.67
C THR F 230 -14.98 -12.98 12.25
N ASP F 231 -15.66 -13.52 11.24
CA ASP F 231 -15.17 -13.27 9.89
C ASP F 231 -15.52 -11.84 9.60
N LEU F 232 -16.53 -11.31 10.29
CA LEU F 232 -16.98 -9.95 10.04
C LEU F 232 -15.89 -8.95 10.33
N ARG F 233 -15.34 -9.05 11.54
CA ARG F 233 -14.27 -8.17 11.97
C ARG F 233 -13.02 -8.34 11.12
N SER F 234 -12.84 -9.52 10.54
CA SER F 234 -11.69 -9.74 9.67
C SER F 234 -11.86 -8.72 8.55
N ILE F 235 -13.02 -8.72 7.90
CA ILE F 235 -13.27 -7.81 6.78
C ILE F 235 -13.28 -6.34 7.14
N SER F 236 -13.96 -5.96 8.20
CA SER F 236 -13.98 -4.54 8.54
C SER F 236 -12.57 -4.01 8.87
N ALA F 237 -11.61 -4.92 9.01
CA ALA F 237 -10.24 -4.54 9.29
C ALA F 237 -9.70 -4.03 7.97
N LYS F 238 -9.57 -4.97 7.02
CA LYS F 238 -9.10 -4.66 5.68
C LYS F 238 -9.97 -3.50 5.14
N GLY F 239 -11.09 -3.28 5.80
CA GLY F 239 -11.97 -2.20 5.40
C GLY F 239 -11.37 -0.83 5.70
N ALA F 240 -11.17 -0.52 6.98
CA ALA F 240 -10.64 0.80 7.34
C ALA F 240 -9.38 1.05 6.54
N GLU F 241 -8.72 -0.04 6.15
CA GLU F 241 -7.49 0.05 5.35
C GLU F 241 -7.83 0.53 3.94
N ARG F 242 -8.96 0.06 3.41
CA ARG F 242 -9.41 0.44 2.08
C ARG F 242 -9.86 1.88 2.07
N VAL F 243 -10.42 2.32 3.19
CA VAL F 243 -10.92 3.69 3.31
C VAL F 243 -9.91 4.73 2.90
N ILE F 244 -8.65 4.46 3.21
CA ILE F 244 -7.57 5.38 2.90
C ILE F 244 -6.87 5.02 1.58
N THR F 245 -6.47 3.76 1.41
CA THR F 245 -5.81 3.36 0.17
C THR F 245 -6.70 3.66 -1.04
N LEU F 246 -7.92 4.09 -0.75
CA LEU F 246 -8.88 4.42 -1.78
C LEU F 246 -9.05 5.94 -1.86
N LYS F 247 -9.22 6.61 -0.71
CA LYS F 247 -9.37 8.08 -0.68
C LYS F 247 -8.07 8.74 -1.20
N MET F 248 -7.41 7.97 -2.05
CA MET F 248 -6.18 8.35 -2.69
C MET F 248 -6.53 8.44 -4.15
N GLU F 249 -6.86 7.29 -4.77
CA GLU F 249 -7.21 7.26 -6.19
C GLU F 249 -8.35 8.21 -6.58
N ILE F 250 -9.06 8.79 -5.59
CA ILE F 250 -10.18 9.70 -5.87
C ILE F 250 -9.83 11.19 -5.96
N PRO F 251 -9.88 11.74 -7.19
CA PRO F 251 -9.60 13.14 -7.55
C PRO F 251 -10.12 14.23 -6.58
N GLY F 252 -11.29 14.02 -5.95
CA GLY F 252 -11.82 15.03 -5.04
C GLY F 252 -11.46 14.85 -3.57
N SER F 253 -12.48 14.59 -2.76
CA SER F 253 -12.32 14.38 -1.33
C SER F 253 -13.21 13.22 -0.82
N MET F 254 -12.92 12.74 0.39
CA MET F 254 -13.68 11.68 0.98
C MET F 254 -14.83 12.37 1.71
N PRO F 255 -16.08 12.03 1.37
CA PRO F 255 -17.26 12.62 1.99
C PRO F 255 -17.03 12.77 3.48
N PRO F 256 -17.59 13.82 4.07
CA PRO F 256 -17.44 14.10 5.50
C PRO F 256 -17.67 12.95 6.47
N LEU F 257 -18.93 12.54 6.61
CA LEU F 257 -19.31 11.49 7.54
C LEU F 257 -18.51 10.21 7.38
N ILE F 258 -18.24 9.81 6.14
CA ILE F 258 -17.46 8.60 5.91
C ILE F 258 -16.18 8.73 6.67
N GLN F 259 -15.54 9.88 6.53
CA GLN F 259 -14.26 10.18 7.20
C GLN F 259 -14.42 10.15 8.72
N GLU F 260 -15.35 10.96 9.20
CA GLU F 260 -15.64 11.11 10.63
C GLU F 260 -16.06 9.78 11.27
N MET F 261 -16.21 8.75 10.46
CA MET F 261 -16.62 7.42 10.93
C MET F 261 -15.56 6.34 10.71
N LEU F 262 -15.07 6.24 9.48
CA LEU F 262 -14.07 5.23 9.12
C LEU F 262 -12.60 5.61 9.27
N GLU F 263 -12.31 6.62 10.08
CA GLU F 263 -10.94 7.06 10.29
C GLU F 263 -10.59 7.22 11.79
N ASN F 264 -9.40 7.79 12.06
CA ASN F 264 -8.96 7.95 13.43
C ASN F 264 -8.65 6.58 14.01
N SER F 265 -7.37 6.21 14.02
CA SER F 265 -6.97 4.90 14.56
C SER F 265 -5.60 4.85 15.26
N GLU F 266 -4.88 5.99 15.24
CA GLU F 266 -3.56 6.09 15.85
C GLU F 266 -2.43 5.21 15.32
N GLY F 267 -1.61 5.77 14.42
CA GLY F 267 -0.45 5.06 13.84
C GLY F 267 -0.27 3.54 13.94
N HIS F 268 0.38 2.96 12.91
CA HIS F 268 0.62 1.50 12.82
C HIS F 268 1.99 1.02 13.30
N GLU F 269 1.97 -0.10 14.03
CA GLU F 269 3.18 -0.70 14.61
C GLU F 269 3.94 -1.66 13.67
N PRO F 270 5.19 -2.05 14.05
CA PRO F 270 5.84 -1.61 15.30
C PRO F 270 6.43 -0.21 15.24
N LEU F 271 5.80 0.73 15.92
CA LEU F 271 6.29 2.10 15.95
C LEU F 271 6.80 2.40 17.37
N THR F 272 8.07 2.81 17.49
CA THR F 272 8.64 3.12 18.79
C THR F 272 8.18 4.46 19.35
N PRO F 273 8.09 4.55 20.68
CA PRO F 273 7.67 5.74 21.43
C PRO F 273 8.48 7.03 21.32
N SER F 274 7.76 8.14 21.37
CA SER F 274 8.36 9.47 21.32
C SER F 274 8.22 10.13 22.70
N ASN G 1 3.15 -30.53 1.25
CA ASN G 1 4.32 -29.62 1.08
C ASN G 1 5.22 -29.63 2.32
N HIS G 2 5.23 -28.48 3.00
CA HIS G 2 6.00 -28.22 4.23
C HIS G 2 6.25 -29.47 5.08
N PRO G 3 7.54 -29.84 5.26
CA PRO G 3 8.03 -30.99 6.02
C PRO G 3 7.63 -31.20 7.49
N MET G 4 8.48 -30.71 8.38
CA MET G 4 8.30 -30.86 9.83
C MET G 4 6.91 -30.99 10.42
N LEU G 5 5.98 -30.16 9.94
CA LEU G 5 4.60 -30.20 10.43
C LEU G 5 3.92 -31.41 9.80
N MET G 6 4.07 -31.51 8.48
CA MET G 6 3.49 -32.58 7.67
C MET G 6 3.83 -33.88 8.40
N ASN G 7 5.13 -34.07 8.56
CA ASN G 7 5.65 -35.23 9.26
C ASN G 7 5.10 -35.22 10.70
N LEU G 8 5.90 -34.70 11.62
CA LEU G 8 5.57 -34.62 13.04
C LEU G 8 4.15 -35.06 13.40
N LEU G 9 3.17 -34.46 12.74
CA LEU G 9 1.76 -34.77 12.96
C LEU G 9 1.57 -36.26 13.22
N LYS G 10 2.01 -37.04 12.23
CA LYS G 10 2.00 -38.52 12.16
C LYS G 10 2.30 -39.38 13.41
N ASP G 11 3.60 -39.65 13.60
CA ASP G 11 4.18 -40.48 14.66
C ASP G 11 3.52 -40.44 16.04
N HIS H 2 -15.23 15.46 15.90
CA HIS H 2 -16.50 14.74 15.53
C HIS H 2 -17.76 15.63 15.50
N PRO H 3 -17.77 16.60 14.57
CA PRO H 3 -18.84 17.57 14.34
C PRO H 3 -20.15 16.84 14.08
N MET H 4 -20.25 16.31 12.85
CA MET H 4 -21.43 15.56 12.39
C MET H 4 -21.98 14.56 13.40
N LEU H 5 -21.22 13.49 13.66
CA LEU H 5 -21.64 12.47 14.62
C LEU H 5 -22.27 13.09 15.85
N MET H 6 -21.60 14.13 16.34
CA MET H 6 -22.06 14.87 17.52
C MET H 6 -23.53 15.31 17.37
N ASN H 7 -23.87 15.82 16.19
CA ASN H 7 -25.22 16.29 15.89
C ASN H 7 -26.20 15.17 15.61
N LEU H 8 -25.68 14.08 15.08
CA LEU H 8 -26.50 12.94 14.72
C LEU H 8 -27.12 12.31 15.96
N LEU H 9 -26.32 12.15 17.03
CA LEU H 9 -26.83 11.59 18.29
C LEU H 9 -27.46 12.71 19.14
N LYS H 10 -27.35 13.95 18.65
CA LYS H 10 -27.89 15.14 19.32
C LYS H 10 -29.42 15.08 19.42
N ASP H 11 -30.10 15.57 18.36
CA ASP H 11 -31.57 15.59 18.27
C ASP H 11 -32.24 14.25 18.70
#